data_7SFD
#
_entry.id   7SFD
#
_cell.length_a   161.598
_cell.length_b   77.416
_cell.length_c   116.514
_cell.angle_alpha   90.000
_cell.angle_beta   125.762
_cell.angle_gamma   90.000
#
_symmetry.space_group_name_H-M   'C 1 2 1'
#
loop_
_entity.id
_entity.type
_entity.pdbx_description
1 polymer 'DNA (cytosine-5)-methyltransferase 1'
2 polymer 'DNA (12-MER)'
3 polymer 'DNA (12-MER)'
4 non-polymer S-ADENOSYL-L-HOMOCYSTEINE
5 non-polymer 'ZINC ION'
6 non-polymer 1,2-ETHANEDIOL
7 non-polymer GLYCEROL
8 non-polymer (2S)-2-({3,5-dicyano-4-ethyl-6-[4-(2-hydroxyethyl)-1,4-diazepan-1-yl]pyridin-2-yl}sulfanyl)-2-phenylacetamide
9 water water
#
loop_
_entity_poly.entity_id
_entity_poly.type
_entity_poly.pdbx_seq_one_letter_code
_entity_poly.pdbx_strand_id
1 'polypeptide(L)'
;HMNRISWVGEAVKTDGKKSYYKKVCIDAETLEVGDCVSVIPDDSSKPLYLARVTALWEDSSNGQMFHAHWFCAGTDTVLG
ATSDPLELFLVDECEDMQLSYIHSKVKVIYKAPSENWAMEGGMDPESLLEGDDGKTYFYQLWYDQDYARFESPPKTQPTE
DNKFKFCVSCARLAEMRQKEIPRVLEQLEDLDSRVLYYSATKNGILYRVGDGVYLPPEAFTFNIKLSSPVKRPRKEPVDE
DLYPEHYRKYSDYIKGSNLDAPEPYRIGRIKEIFCPKKSNGRPNETDIKIRVNKFYRPENTHKSTPASYHADINLLYWSD
EEAVVDFKAVQGRCTVEYGEDLPECVQVYSMGGPNRFYFLEAYNAKSKSFEDPPNHARSPGNKGKGKGKGKGKPKSQACE
PSEPEIEIKLPKLRTLDVFSGCGGLSEGFHQAGISDTLWAIEMWDPAAQAFRLNNPGSTVFTEDCNILLKLVMAGETTNS
RGQRLPQKGDVEMLCGGPPCQGFSGMNRFNSRTYSKFKNSLVVSFLSYCDYYRPRFFLLENVRNFVSFKRSMVLKLTLRC
LVRMGYQCTFGVLQAGQYGVAQTRRRAIILAAAPGEKLPLFPEPLHVFAPRACQLSVVVDDKKFVSNITRLSSGPFRTIT
VRDTMSDLPEVRNGASALEISYNGEPQSWFQRQLRGAQYQPILRDHICKDMSALVAARMRHIPLAPGSDWRDLPNIEVRL
SDGTMARKLRYTHHDRKNGRSSSGALRGVCSCVEAGKACDPAARQFNTLIPWCLPHTGNRHNHWAGLYGRLEWDGFFSTT
VTNPEPMGKQGRVLHPEQHRVVSVRECARSQGFPDTYRLFGNILDKHRQVGNAVPPPLAKAIGLEIKLCMLAKA
;
A
2 'polydeoxyribonucleotide' (DG)(DA)(DG)(DG)(DC)(5CM)(DG)(DC)(DC)(DT)(DG)(DC) C
3 'polydeoxyribonucleotide' (DG)(DC)(DA)(DG)(DG)(PYO)(DG)(DG)(DC)(DC)(DT)(DC) D
#
loop_
_chem_comp.id
_chem_comp.type
_chem_comp.name
_chem_comp.formula
5CM DNA linking 5-METHYL-2'-DEOXY-CYTIDINE-5'-MONOPHOSPHATE 'C10 H16 N3 O7 P'
DA DNA linking 2'-DEOXYADENOSINE-5'-MONOPHOSPHATE 'C10 H14 N5 O6 P'
DC DNA linking 2'-DEOXYCYTIDINE-5'-MONOPHOSPHATE 'C9 H14 N3 O7 P'
DG DNA linking 2'-DEOXYGUANOSINE-5'-MONOPHOSPHATE 'C10 H14 N5 O7 P'
DT DNA linking THYMIDINE-5'-MONOPHOSPHATE 'C10 H15 N2 O8 P'
EDO non-polymer 1,2-ETHANEDIOL 'C2 H6 O2'
GOL non-polymer GLYCEROL 'C3 H8 O3'
IO5 non-polymer (2S)-2-({3,5-dicyano-4-ethyl-6-[4-(2-hydroxyethyl)-1,4-diazepan-1-yl]pyridin-2-yl}sulfanyl)-2-phenylacetamide 'C24 H28 N6 O2 S'
PYO RNA linking 1-(BETA-D-RIBOFURANOSYL)-PYRIMIDIN-2-ONE-5'-PHOSPHATE 'C9 H13 N2 O8 P'
ZN non-polymer 'ZINC ION' 'Zn 2'
#
# COMPACT_ATOMS: atom_id res chain seq x y z
N ASN A 3 -2.23 54.50 -18.67
CA ASN A 3 -1.86 55.68 -17.90
C ASN A 3 -1.39 55.29 -16.50
N ARG A 4 -1.04 54.03 -16.35
CA ARG A 4 -0.44 53.59 -15.10
C ARG A 4 0.85 52.81 -15.31
N ILE A 5 0.93 51.99 -16.36
CA ILE A 5 2.01 51.02 -16.53
C ILE A 5 3.04 51.61 -17.48
N SER A 6 4.28 51.70 -17.01
CA SER A 6 5.37 52.24 -17.80
C SER A 6 6.66 51.54 -17.37
N TRP A 7 7.45 51.13 -18.35
CA TRP A 7 8.66 50.37 -18.07
C TRP A 7 9.75 51.27 -17.48
N VAL A 8 10.66 50.64 -16.76
CA VAL A 8 11.81 51.33 -16.17
C VAL A 8 13.03 50.95 -16.99
N GLY A 9 13.55 51.91 -17.75
CA GLY A 9 14.74 51.67 -18.56
C GLY A 9 14.46 51.12 -19.95
N GLU A 10 15.44 50.42 -20.50
CA GLU A 10 15.35 49.80 -21.81
C GLU A 10 15.27 48.28 -21.65
N ALA A 11 15.18 47.59 -22.78
CA ALA A 11 14.99 46.15 -22.77
C ALA A 11 16.30 45.42 -22.53
N VAL A 12 16.19 44.22 -21.93
CA VAL A 12 17.35 43.36 -21.73
C VAL A 12 17.59 42.48 -22.95
N LYS A 13 16.54 41.89 -23.49
CA LYS A 13 16.63 41.07 -24.69
C LYS A 13 15.37 41.27 -25.51
N THR A 14 15.48 40.99 -26.80
CA THR A 14 14.35 41.10 -27.74
C THR A 14 14.24 39.76 -28.47
N ASP A 15 13.52 38.82 -27.88
CA ASP A 15 13.30 37.50 -28.47
C ASP A 15 12.04 37.56 -29.31
N GLY A 16 12.19 37.94 -30.58
CA GLY A 16 11.04 37.99 -31.47
C GLY A 16 10.06 39.06 -31.07
N LYS A 17 8.79 38.68 -30.94
CA LYS A 17 7.71 39.60 -30.63
C LYS A 17 7.63 39.96 -29.16
N LYS A 18 8.66 39.64 -28.37
CA LYS A 18 8.70 39.98 -26.95
C LYS A 18 9.94 40.84 -26.67
N SER A 19 9.74 41.92 -25.93
CA SER A 19 10.82 42.77 -25.42
C SER A 19 10.80 42.67 -23.90
N TYR A 20 11.85 42.10 -23.31
CA TYR A 20 11.91 41.85 -21.88
C TYR A 20 12.41 43.07 -21.11
N TYR A 21 11.93 43.22 -19.87
CA TYR A 21 12.39 44.28 -18.97
C TYR A 21 12.62 43.67 -17.59
N LYS A 22 13.26 44.46 -16.71
CA LYS A 22 13.51 44.03 -15.34
C LYS A 22 12.67 44.75 -14.30
N LYS A 23 12.24 45.99 -14.57
CA LYS A 23 11.43 46.74 -13.62
C LYS A 23 10.31 47.46 -14.36
N VAL A 24 9.12 47.47 -13.75
CA VAL A 24 7.95 48.16 -14.29
C VAL A 24 7.34 49.01 -13.18
N CYS A 25 6.75 50.13 -13.58
CA CYS A 25 6.08 51.04 -12.64
C CYS A 25 4.58 50.96 -12.88
N ILE A 26 3.83 50.66 -11.82
CA ILE A 26 2.38 50.63 -11.85
C ILE A 26 1.87 51.63 -10.83
N ASP A 27 1.37 52.76 -11.31
CA ASP A 27 0.89 53.85 -10.47
C ASP A 27 1.98 54.35 -9.53
N ALA A 28 1.88 53.99 -8.25
CA ALA A 28 2.85 54.43 -7.25
C ALA A 28 3.75 53.30 -6.79
N GLU A 29 3.64 52.14 -7.38
CA GLU A 29 4.47 51.00 -7.00
C GLU A 29 5.38 50.63 -8.17
N THR A 30 6.54 50.07 -7.83
CA THR A 30 7.47 49.53 -8.81
C THR A 30 7.64 48.04 -8.56
N LEU A 31 7.64 47.27 -9.65
CA LEU A 31 7.79 45.83 -9.59
C LEU A 31 9.09 45.42 -10.26
N GLU A 32 9.77 44.46 -9.67
CA GLU A 32 10.97 43.87 -10.25
C GLU A 32 10.82 42.36 -10.28
N VAL A 33 11.60 41.72 -11.14
CA VAL A 33 11.63 40.26 -11.16
C VAL A 33 12.02 39.75 -9.78
N GLY A 34 11.30 38.74 -9.31
CA GLY A 34 11.47 38.21 -7.98
C GLY A 34 10.44 38.69 -6.97
N ASP A 35 9.77 39.81 -7.25
CA ASP A 35 8.74 40.31 -6.35
C ASP A 35 7.53 39.39 -6.35
N CYS A 36 6.75 39.48 -5.28
CA CYS A 36 5.50 38.75 -5.14
C CYS A 36 4.32 39.72 -5.21
N VAL A 37 3.24 39.28 -5.85
CA VAL A 37 2.08 40.11 -6.09
C VAL A 37 0.82 39.29 -5.87
N SER A 38 -0.30 40.00 -5.76
CA SER A 38 -1.62 39.40 -5.68
C SER A 38 -2.42 39.72 -6.94
N VAL A 39 -3.36 38.84 -7.27
CA VAL A 39 -4.27 39.00 -8.40
C VAL A 39 -5.69 38.74 -7.91
N ILE A 40 -6.61 39.61 -8.28
CA ILE A 40 -8.02 39.35 -7.96
C ILE A 40 -8.55 38.22 -8.85
N PRO A 41 -9.23 37.24 -8.30
CA PRO A 41 -9.87 36.22 -9.14
C PRO A 41 -11.03 36.82 -9.93
N ASP A 42 -11.37 36.14 -11.03
CA ASP A 42 -12.51 36.56 -11.83
C ASP A 42 -13.79 36.60 -10.99
N ASP A 43 -13.95 35.64 -10.09
CA ASP A 43 -15.02 35.65 -9.10
C ASP A 43 -14.53 36.43 -7.88
N SER A 44 -15.10 37.61 -7.66
CA SER A 44 -14.63 38.47 -6.56
C SER A 44 -14.79 37.82 -5.19
N SER A 45 -15.67 36.83 -5.06
CA SER A 45 -15.89 36.21 -3.76
C SER A 45 -14.67 35.39 -3.32
N LYS A 46 -14.01 34.72 -4.27
CA LYS A 46 -12.86 33.90 -3.92
C LYS A 46 -11.70 34.77 -3.46
N PRO A 47 -10.83 34.25 -2.61
CA PRO A 47 -9.69 35.06 -2.12
C PRO A 47 -8.69 35.35 -3.22
N LEU A 48 -7.74 36.22 -2.90
CA LEU A 48 -6.76 36.67 -3.87
C LEU A 48 -5.82 35.53 -4.27
N TYR A 49 -5.44 35.50 -5.53
CA TYR A 49 -4.32 34.67 -5.95
C TYR A 49 -3.01 35.38 -5.62
N LEU A 50 -1.97 34.59 -5.40
CA LEU A 50 -0.65 35.09 -5.04
C LEU A 50 0.39 34.43 -5.92
N ALA A 51 1.36 35.21 -6.38
CA ALA A 51 2.34 34.67 -7.31
C ALA A 51 3.65 35.44 -7.18
N ARG A 52 4.72 34.83 -7.68
CA ARG A 52 6.00 35.49 -7.83
C ARG A 52 6.20 35.88 -9.28
N VAL A 53 6.68 37.11 -9.49
CA VAL A 53 6.98 37.59 -10.83
C VAL A 53 8.35 37.05 -11.23
N THR A 54 8.40 36.29 -12.32
CA THR A 54 9.65 35.73 -12.81
C THR A 54 10.14 36.36 -14.10
N ALA A 55 9.36 37.22 -14.74
CA ALA A 55 9.74 37.82 -16.01
C ALA A 55 8.73 38.92 -16.37
N LEU A 56 9.23 39.95 -17.06
CA LEU A 56 8.40 41.07 -17.50
C LEU A 56 8.73 41.39 -18.94
N TRP A 57 7.71 41.49 -19.79
CA TRP A 57 7.99 41.79 -21.19
C TRP A 57 6.81 42.51 -21.85
N GLU A 58 7.13 43.17 -22.95
CA GLU A 58 6.13 43.77 -23.83
C GLU A 58 5.95 42.88 -25.06
N ASP A 59 4.72 42.45 -25.30
CA ASP A 59 4.39 41.70 -26.51
C ASP A 59 3.93 42.67 -27.57
N SER A 60 4.53 42.56 -28.77
CA SER A 60 4.26 43.53 -29.83
C SER A 60 2.80 43.51 -30.30
N SER A 61 2.04 42.49 -29.90
CA SER A 61 0.61 42.45 -30.20
C SER A 61 -0.27 42.64 -28.98
N ASN A 62 0.09 42.03 -27.84
CA ASN A 62 -0.79 41.97 -26.68
C ASN A 62 -0.37 42.89 -25.54
N GLY A 63 0.66 43.71 -25.72
CA GLY A 63 1.01 44.67 -24.68
C GLY A 63 1.81 44.08 -23.52
N GLN A 64 1.66 44.70 -22.35
CA GLN A 64 2.54 44.47 -21.22
C GLN A 64 2.20 43.19 -20.48
N MET A 65 3.19 42.33 -20.30
CA MET A 65 2.99 40.98 -19.77
C MET A 65 3.98 40.67 -18.66
N PHE A 66 3.62 39.71 -17.82
CA PHE A 66 4.53 39.16 -16.83
C PHE A 66 4.26 37.66 -16.68
N HIS A 67 5.22 36.95 -16.11
CA HIS A 67 5.08 35.52 -15.84
C HIS A 67 4.82 35.29 -14.36
N ALA A 68 3.69 34.68 -14.04
CA ALA A 68 3.28 34.48 -12.67
C ALA A 68 3.55 33.04 -12.27
N HIS A 69 4.38 32.84 -11.26
CA HIS A 69 4.56 31.52 -10.65
C HIS A 69 3.68 31.49 -9.41
N TRP A 70 2.56 30.79 -9.49
CA TRP A 70 1.55 30.83 -8.42
C TRP A 70 2.03 30.12 -7.17
N PHE A 71 1.66 30.69 -6.02
CA PHE A 71 1.65 29.96 -4.75
C PHE A 71 0.33 29.23 -4.57
N CYS A 72 0.34 28.23 -3.70
CA CYS A 72 -0.86 27.50 -3.31
C CYS A 72 -1.23 27.84 -1.87
N ALA A 73 -2.46 28.27 -1.66
CA ALA A 73 -2.93 28.56 -0.31
C ALA A 73 -3.11 27.26 0.46
N GLY A 74 -2.77 27.30 1.75
CA GLY A 74 -2.87 26.10 2.56
C GLY A 74 -4.25 25.48 2.55
N THR A 75 -5.30 26.30 2.47
CA THR A 75 -6.64 25.72 2.46
C THR A 75 -6.95 25.00 1.16
N ASP A 76 -6.20 25.25 0.09
CA ASP A 76 -6.37 24.52 -1.15
C ASP A 76 -5.59 23.20 -1.17
N THR A 77 -4.81 22.91 -0.13
CA THR A 77 -4.16 21.61 -0.04
C THR A 77 -5.06 20.64 0.73
N VAL A 78 -4.56 19.41 0.91
CA VAL A 78 -5.30 18.40 1.67
C VAL A 78 -5.60 18.91 3.09
N LEU A 79 -4.76 19.81 3.63
CA LEU A 79 -4.98 20.29 4.99
C LEU A 79 -6.31 21.03 5.13
N GLY A 80 -6.72 21.73 4.08
CA GLY A 80 -8.00 22.43 4.11
C GLY A 80 -8.02 23.51 5.17
N ALA A 81 -9.11 23.55 5.94
CA ALA A 81 -9.31 24.58 6.95
C ALA A 81 -8.43 24.40 8.18
N THR A 82 -7.71 23.28 8.31
CA THR A 82 -6.77 23.14 9.41
C THR A 82 -5.45 23.86 9.14
N SER A 83 -5.29 24.43 7.95
CA SER A 83 -4.04 25.09 7.61
C SER A 83 -3.88 26.40 8.36
N ASP A 84 -2.62 26.75 8.63
CA ASP A 84 -2.30 28.10 9.07
C ASP A 84 -2.84 29.09 8.05
N PRO A 85 -3.53 30.16 8.49
CA PRO A 85 -4.14 31.08 7.53
C PRO A 85 -3.16 31.73 6.58
N LEU A 86 -1.91 31.94 7.01
CA LEU A 86 -0.93 32.69 6.24
C LEU A 86 0.14 31.83 5.60
N GLU A 87 0.06 30.51 5.73
CA GLU A 87 1.06 29.64 5.11
C GLU A 87 0.70 29.40 3.64
N LEU A 88 1.67 29.60 2.77
CA LEU A 88 1.56 29.23 1.37
C LEU A 88 2.47 28.04 1.08
N PHE A 89 2.18 27.34 -0.01
CA PHE A 89 2.99 26.23 -0.46
C PHE A 89 3.42 26.49 -1.90
N LEU A 90 4.68 26.17 -2.21
CA LEU A 90 5.13 26.20 -3.59
C LEU A 90 4.45 25.08 -4.38
N VAL A 91 4.08 25.39 -5.63
CA VAL A 91 3.56 24.40 -6.56
C VAL A 91 4.15 24.65 -7.94
N ASP A 92 4.11 23.61 -8.78
CA ASP A 92 4.54 23.71 -10.17
C ASP A 92 3.36 24.16 -11.04
N GLU A 93 2.97 25.42 -10.85
CA GLU A 93 1.92 26.01 -11.68
C GLU A 93 2.26 27.47 -11.97
N CYS A 94 2.22 27.82 -13.25
CA CYS A 94 2.62 29.16 -13.68
C CYS A 94 1.95 29.45 -15.03
N GLU A 95 1.88 30.74 -15.37
CA GLU A 95 1.30 31.13 -16.66
C GLU A 95 1.70 32.57 -16.99
N ASP A 96 1.61 32.89 -18.28
CA ASP A 96 1.74 34.27 -18.76
C ASP A 96 0.46 35.04 -18.45
N MET A 97 0.63 36.31 -18.05
CA MET A 97 -0.50 37.15 -17.65
C MET A 97 -0.22 38.60 -17.98
N GLN A 98 -1.25 39.30 -18.46
CA GLN A 98 -1.14 40.74 -18.64
C GLN A 98 -0.88 41.42 -17.31
N LEU A 99 -0.01 42.43 -17.32
CA LEU A 99 0.33 43.17 -16.11
C LEU A 99 -0.87 43.86 -15.49
N SER A 100 -1.93 44.12 -16.26
CA SER A 100 -3.07 44.84 -15.73
C SER A 100 -3.84 44.04 -14.68
N TYR A 101 -3.62 42.71 -14.63
CA TYR A 101 -4.31 41.88 -13.64
C TYR A 101 -3.69 41.96 -12.25
N ILE A 102 -2.52 42.58 -12.10
CA ILE A 102 -1.87 42.64 -10.80
C ILE A 102 -2.64 43.60 -9.90
N HIS A 103 -2.95 43.15 -8.68
CA HIS A 103 -3.68 43.97 -7.72
C HIS A 103 -2.75 44.74 -6.80
N SER A 104 -1.80 44.06 -6.18
CA SER A 104 -0.88 44.74 -5.27
C SER A 104 0.37 43.89 -5.10
N LYS A 105 1.41 44.53 -4.58
CA LYS A 105 2.61 43.81 -4.16
C LYS A 105 2.42 43.30 -2.74
N VAL A 106 2.86 42.07 -2.50
CA VAL A 106 2.77 41.45 -1.18
C VAL A 106 4.14 40.92 -0.80
N LYS A 107 4.36 40.80 0.50
CA LYS A 107 5.61 40.29 1.06
C LYS A 107 5.42 38.83 1.43
N VAL A 108 6.25 37.96 0.87
CA VAL A 108 6.24 36.53 1.16
C VAL A 108 7.60 36.14 1.68
N ILE A 109 7.62 35.46 2.83
CA ILE A 109 8.85 35.10 3.52
C ILE A 109 9.05 33.60 3.39
N TYR A 110 10.29 33.19 3.13
CA TYR A 110 10.66 31.77 3.18
C TYR A 110 11.11 31.44 4.60
N LYS A 111 10.36 30.57 5.26
CA LYS A 111 10.69 30.13 6.63
C LYS A 111 11.49 28.85 6.53
N ALA A 112 12.81 28.97 6.59
CA ALA A 112 13.68 27.82 6.48
C ALA A 112 13.85 27.14 7.85
N PRO A 113 13.91 25.81 7.88
CA PRO A 113 14.27 25.14 9.13
C PRO A 113 15.65 25.58 9.61
N SER A 114 15.80 25.75 10.91
CA SER A 114 17.07 26.22 11.45
C SER A 114 18.09 25.10 11.46
N GLU A 115 19.36 25.49 11.63
CA GLU A 115 20.43 24.51 11.73
C GLU A 115 20.30 23.66 12.99
N ASN A 116 19.54 24.12 13.98
CA ASN A 116 19.31 23.38 15.21
C ASN A 116 17.93 22.72 15.23
N TRP A 117 17.34 22.47 14.05
CA TRP A 117 15.94 22.06 13.95
C TRP A 117 15.64 20.82 14.77
N ALA A 118 16.57 19.86 14.81
CA ALA A 118 16.31 18.59 15.48
C ALA A 118 16.26 18.72 17.00
N MET A 119 16.70 19.84 17.56
CA MET A 119 16.66 20.07 19.01
C MET A 119 15.56 21.02 19.44
N GLU A 120 14.72 21.50 18.52
CA GLU A 120 13.73 22.51 18.82
C GLU A 120 12.38 21.92 19.23
N GLY A 121 12.29 20.60 19.40
CA GLY A 121 11.03 19.99 19.73
C GLY A 121 10.71 20.08 21.20
N GLY A 122 9.45 19.79 21.53
CA GLY A 122 8.97 19.95 22.89
C GLY A 122 7.80 20.90 22.94
N MET A 123 7.14 21.09 21.80
CA MET A 123 5.96 21.95 21.72
C MET A 123 4.78 21.28 22.40
N ASP A 124 3.90 22.11 23.00
CA ASP A 124 2.67 21.59 23.57
C ASP A 124 1.77 21.03 22.47
N PRO A 125 0.96 20.03 22.79
CA PRO A 125 0.05 19.48 21.76
C PRO A 125 -0.91 20.52 21.18
N GLU A 126 -1.31 21.51 21.99
CA GLU A 126 -2.08 22.63 21.44
C GLU A 126 -1.26 23.38 20.39
N SER A 127 0.03 23.58 20.65
CA SER A 127 0.89 24.20 19.65
C SER A 127 1.01 23.34 18.40
N LEU A 128 0.97 22.01 18.56
CA LEU A 128 1.01 21.12 17.39
C LEU A 128 -0.25 21.24 16.56
N LEU A 129 -1.42 21.16 17.21
CA LEU A 129 -2.68 21.06 16.48
C LEU A 129 -3.15 22.42 15.96
N GLU A 130 -3.12 23.45 16.82
CA GLU A 130 -3.75 24.73 16.51
C GLU A 130 -2.77 25.89 16.33
N GLY A 131 -1.49 25.71 16.63
CA GLY A 131 -0.57 26.82 16.67
C GLY A 131 -0.29 27.43 15.30
N ASP A 132 -0.10 28.75 15.30
CA ASP A 132 0.20 29.56 14.12
C ASP A 132 1.54 30.29 14.30
N ASP A 133 1.87 31.15 13.34
CA ASP A 133 3.10 31.92 13.32
C ASP A 133 2.77 33.42 13.36
N GLY A 134 3.80 34.25 13.15
CA GLY A 134 3.59 35.67 13.04
C GLY A 134 2.84 36.05 11.77
N LYS A 135 2.23 37.24 11.78
CA LYS A 135 1.24 37.62 10.78
C LYS A 135 1.91 38.19 9.53
N THR A 136 2.41 37.29 8.69
CA THR A 136 2.90 37.61 7.36
C THR A 136 2.90 36.33 6.54
N TYR A 137 2.64 36.45 5.23
CA TYR A 137 2.67 35.29 4.35
C TYR A 137 4.03 34.60 4.38
N PHE A 138 4.02 33.28 4.40
CA PHE A 138 5.26 32.52 4.42
C PHE A 138 5.05 31.17 3.76
N TYR A 139 6.13 30.63 3.20
CA TYR A 139 6.15 29.25 2.74
C TYR A 139 7.37 28.55 3.32
N GLN A 140 7.24 27.23 3.47
CA GLN A 140 8.36 26.40 3.82
C GLN A 140 8.45 25.15 2.98
N LEU A 141 7.36 24.69 2.38
CA LEU A 141 7.33 23.42 1.67
C LEU A 141 6.78 23.60 0.26
N TRP A 142 7.17 22.68 -0.60
CA TRP A 142 6.60 22.47 -1.93
C TRP A 142 5.51 21.42 -1.84
N TYR A 143 4.47 21.57 -2.65
CA TYR A 143 3.29 20.72 -2.55
C TYR A 143 2.98 20.06 -3.88
N ASP A 144 2.67 18.76 -3.83
CA ASP A 144 2.24 17.99 -4.98
C ASP A 144 0.74 17.70 -4.81
N GLN A 145 -0.07 18.33 -5.66
CA GLN A 145 -1.52 18.29 -5.48
C GLN A 145 -2.11 16.93 -5.79
N ASP A 146 -1.51 16.18 -6.71
CA ASP A 146 -2.08 14.88 -7.07
C ASP A 146 -1.76 13.79 -6.06
N TYR A 147 -0.59 13.82 -5.44
CA TYR A 147 -0.16 12.77 -4.53
C TYR A 147 -0.22 13.19 -3.07
N ALA A 148 -0.63 14.42 -2.78
CA ALA A 148 -0.64 14.97 -1.42
C ALA A 148 0.72 14.80 -0.74
N ARG A 149 1.74 15.36 -1.37
CA ARG A 149 3.10 15.27 -0.85
C ARG A 149 3.59 16.66 -0.54
N PHE A 150 4.08 16.85 0.69
CA PHE A 150 4.78 18.08 1.09
C PHE A 150 6.27 17.79 1.11
N GLU A 151 7.05 18.60 0.40
CA GLU A 151 8.47 18.31 0.24
C GLU A 151 9.27 19.59 0.38
N SER A 152 10.57 19.42 0.69
CA SER A 152 11.46 20.55 0.75
C SER A 152 11.50 21.24 -0.62
N PRO A 153 11.64 22.57 -0.64
CA PRO A 153 11.59 23.30 -1.91
C PRO A 153 12.66 22.80 -2.88
N PRO A 154 12.33 22.65 -4.15
CA PRO A 154 13.32 22.16 -5.11
C PRO A 154 14.51 23.10 -5.21
N LYS A 155 15.67 22.52 -5.49
CA LYS A 155 16.91 23.28 -5.58
C LYS A 155 17.30 23.60 -7.02
N THR A 156 16.31 23.67 -7.91
CA THR A 156 16.58 23.93 -9.33
C THR A 156 17.24 25.29 -9.51
N GLN A 157 18.32 25.32 -10.31
CA GLN A 157 19.12 26.52 -10.50
C GLN A 157 19.12 26.94 -11.96
N PRO A 158 19.19 28.24 -12.23
CA PRO A 158 19.18 28.72 -13.62
C PRO A 158 20.57 28.65 -14.22
N THR A 159 20.65 29.04 -15.49
CA THR A 159 21.92 29.17 -16.19
C THR A 159 22.30 30.65 -16.25
N GLU A 160 23.46 30.92 -16.86
CA GLU A 160 23.88 32.29 -17.11
C GLU A 160 23.19 32.90 -18.31
N ASP A 161 22.16 32.26 -18.85
CA ASP A 161 21.45 32.75 -20.03
C ASP A 161 19.98 33.06 -19.77
N ASN A 162 19.30 32.24 -18.98
CA ASN A 162 17.88 32.43 -18.70
C ASN A 162 17.61 32.99 -17.30
N LYS A 163 18.65 33.46 -16.61
CA LYS A 163 18.48 33.89 -15.23
C LYS A 163 17.56 35.11 -15.13
N PHE A 164 17.48 35.91 -16.19
CA PHE A 164 16.64 37.10 -16.17
C PHE A 164 15.15 36.78 -16.25
N LYS A 165 14.80 35.55 -16.63
CA LYS A 165 13.39 35.15 -16.76
C LYS A 165 13.16 33.75 -16.21
N PHE A 166 14.01 33.30 -15.29
CA PHE A 166 14.00 31.90 -14.89
C PHE A 166 12.81 31.59 -13.99
N CYS A 167 11.89 30.75 -14.48
CA CYS A 167 10.80 30.21 -13.69
C CYS A 167 11.15 28.77 -13.30
N VAL A 168 11.20 28.51 -11.99
CA VAL A 168 11.53 27.16 -11.54
C VAL A 168 10.42 26.18 -11.92
N SER A 169 9.16 26.64 -11.92
CA SER A 169 8.07 25.78 -12.36
C SER A 169 8.22 25.40 -13.83
N CYS A 170 8.51 26.37 -14.70
CA CYS A 170 8.75 26.05 -16.11
C CYS A 170 9.90 25.06 -16.25
N ALA A 171 10.97 25.22 -15.47
CA ALA A 171 12.12 24.33 -15.59
C ALA A 171 11.76 22.90 -15.17
N ARG A 172 11.10 22.75 -14.03
CA ARG A 172 10.74 21.41 -13.55
C ARG A 172 9.73 20.74 -14.48
N LEU A 173 8.82 21.51 -15.08
CA LEU A 173 7.89 20.91 -16.03
C LEU A 173 8.60 20.48 -17.30
N ALA A 174 9.58 21.27 -17.74
CA ALA A 174 10.37 20.87 -18.91
C ALA A 174 11.20 19.63 -18.62
N GLU A 175 11.75 19.52 -17.41
CA GLU A 175 12.48 18.31 -17.02
C GLU A 175 11.56 17.10 -16.96
N MET A 176 10.34 17.29 -16.43
CA MET A 176 9.39 16.19 -16.35
C MET A 176 8.94 15.74 -17.74
N ARG A 177 8.75 16.67 -18.67
CA ARG A 177 8.39 16.27 -20.03
C ARG A 177 9.54 15.55 -20.71
N GLN A 178 10.78 15.98 -20.46
CA GLN A 178 11.93 15.27 -20.99
C GLN A 178 12.02 13.87 -20.41
N LYS A 179 11.75 13.75 -19.10
CA LYS A 179 11.86 12.45 -18.45
C LYS A 179 10.86 11.45 -19.02
N GLU A 180 9.64 11.92 -19.32
CA GLU A 180 8.58 11.01 -19.74
C GLU A 180 8.76 10.51 -21.17
N ILE A 181 9.12 11.40 -22.10
CA ILE A 181 9.10 11.07 -23.53
C ILE A 181 10.12 9.99 -23.84
N PRO A 182 9.76 8.90 -24.51
CA PRO A 182 10.76 7.90 -24.89
C PRO A 182 11.76 8.47 -25.88
N ARG A 183 13.01 8.04 -25.77
CA ARG A 183 14.07 8.54 -26.64
C ARG A 183 15.09 7.45 -26.92
N VAL A 184 15.63 7.45 -28.13
CA VAL A 184 16.76 6.61 -28.49
C VAL A 184 18.03 7.35 -28.14
N LEU A 185 19.07 6.61 -27.74
CA LEU A 185 20.31 7.24 -27.28
C LEU A 185 21.49 6.92 -28.19
N GLU A 186 21.86 5.66 -28.33
CA GLU A 186 23.05 5.27 -29.07
C GLU A 186 22.66 4.40 -30.25
N GLN A 187 23.14 4.76 -31.43
CA GLN A 187 22.81 4.04 -32.66
C GLN A 187 23.80 2.91 -32.89
N LEU A 188 23.30 1.80 -33.43
CA LEU A 188 24.10 0.60 -33.58
C LEU A 188 24.36 0.23 -35.04
N GLU A 189 23.32 0.03 -35.83
CA GLU A 189 23.50 -0.31 -37.24
C GLU A 189 22.37 0.30 -38.04
N ASP A 190 22.63 0.48 -39.33
CA ASP A 190 21.67 1.08 -40.25
C ASP A 190 21.22 0.01 -41.23
N LEU A 191 20.03 -0.54 -41.02
CA LEU A 191 19.45 -1.47 -41.96
C LEU A 191 18.61 -0.72 -43.01
N ASP A 192 18.16 -1.48 -44.02
CA ASP A 192 17.51 -0.86 -45.17
C ASP A 192 16.23 -0.13 -44.78
N SER A 193 15.43 -0.74 -43.89
CA SER A 193 14.11 -0.23 -43.57
C SER A 193 14.02 0.41 -42.19
N ARG A 194 15.01 0.23 -41.33
CA ARG A 194 14.93 0.70 -39.95
C ARG A 194 16.33 0.93 -39.41
N VAL A 195 16.41 1.76 -38.37
CA VAL A 195 17.68 2.11 -37.75
C VAL A 195 17.73 1.41 -36.39
N LEU A 196 18.78 0.63 -36.17
CA LEU A 196 18.92 -0.12 -34.93
C LEU A 196 19.74 0.66 -33.91
N TYR A 197 19.30 0.63 -32.66
CA TYR A 197 19.94 1.37 -31.59
C TYR A 197 20.45 0.41 -30.51
N TYR A 198 21.54 0.81 -29.88
CA TYR A 198 22.03 0.04 -28.75
C TYR A 198 21.18 0.31 -27.50
N SER A 199 20.80 1.56 -27.27
CA SER A 199 20.10 1.91 -26.04
C SER A 199 19.04 2.96 -26.30
N ALA A 200 18.08 3.01 -25.37
CA ALA A 200 16.99 3.98 -25.38
C ALA A 200 16.59 4.21 -23.93
N THR A 201 15.89 5.32 -23.70
CA THR A 201 15.51 5.71 -22.34
C THR A 201 14.05 6.12 -22.29
N LYS A 202 13.43 5.86 -21.14
CA LYS A 202 12.02 6.12 -20.92
C LYS A 202 11.75 6.19 -19.42
N ASN A 203 11.09 7.26 -18.99
CA ASN A 203 10.74 7.48 -17.57
C ASN A 203 11.97 7.37 -16.68
N GLY A 204 13.11 7.85 -17.18
CA GLY A 204 14.35 7.83 -16.43
C GLY A 204 15.08 6.50 -16.39
N ILE A 205 14.57 5.48 -17.05
CA ILE A 205 15.20 4.17 -17.07
C ILE A 205 15.96 4.00 -18.38
N LEU A 206 17.16 3.44 -18.30
CA LEU A 206 17.96 3.12 -19.47
C LEU A 206 17.69 1.69 -19.91
N TYR A 207 17.40 1.50 -21.20
CA TYR A 207 17.18 0.18 -21.78
C TYR A 207 18.24 -0.09 -22.85
N ARG A 208 18.89 -1.25 -22.75
CA ARG A 208 19.90 -1.65 -23.71
C ARG A 208 19.51 -2.99 -24.33
N VAL A 209 20.05 -3.25 -25.52
CA VAL A 209 19.92 -4.57 -26.11
C VAL A 209 20.40 -5.61 -25.12
N GLY A 210 19.60 -6.66 -24.91
CA GLY A 210 19.88 -7.67 -23.91
C GLY A 210 19.20 -7.46 -22.57
N ASP A 211 18.63 -6.29 -22.31
CA ASP A 211 17.93 -6.09 -21.05
C ASP A 211 16.55 -6.75 -21.08
N GLY A 212 16.09 -7.15 -19.91
CA GLY A 212 14.74 -7.63 -19.78
C GLY A 212 13.77 -6.47 -19.63
N VAL A 213 12.54 -6.69 -20.11
CA VAL A 213 11.49 -5.68 -20.03
C VAL A 213 10.21 -6.31 -19.54
N TYR A 214 9.49 -5.55 -18.71
CA TYR A 214 8.11 -5.84 -18.36
C TYR A 214 7.16 -5.31 -19.42
N LEU A 215 6.17 -6.11 -19.79
CA LEU A 215 5.16 -5.71 -20.76
C LEU A 215 3.77 -6.08 -20.24
N PRO A 216 2.76 -5.31 -20.62
CA PRO A 216 1.40 -5.65 -20.18
C PRO A 216 0.98 -6.99 -20.75
N PRO A 217 0.10 -7.70 -20.05
CA PRO A 217 -0.36 -9.01 -20.56
C PRO A 217 -1.01 -8.91 -21.93
N GLU A 218 -1.61 -7.77 -22.26
CA GLU A 218 -2.20 -7.56 -23.56
C GLU A 218 -1.17 -7.38 -24.68
N ALA A 219 0.13 -7.24 -24.34
CA ALA A 219 1.14 -6.91 -25.35
C ALA A 219 1.30 -8.02 -26.38
N PHE A 220 1.30 -9.28 -25.95
CA PHE A 220 1.37 -10.36 -26.90
C PHE A 220 0.72 -11.60 -26.34
N THR A 221 0.42 -12.54 -27.24
CA THR A 221 -0.09 -13.86 -26.90
C THR A 221 1.02 -14.89 -27.07
N PHE A 222 0.81 -16.03 -26.43
CA PHE A 222 1.68 -17.18 -26.63
C PHE A 222 1.12 -18.05 -27.76
N ASN A 223 2.03 -18.72 -28.48
CA ASN A 223 1.60 -19.52 -29.62
C ASN A 223 0.88 -20.80 -29.22
N ILE A 224 0.92 -21.18 -27.94
CA ILE A 224 0.36 -22.46 -27.53
C ILE A 224 -1.13 -22.50 -27.85
N LYS A 225 -1.57 -23.58 -28.48
CA LYS A 225 -2.97 -23.81 -28.79
C LYS A 225 -3.57 -24.71 -27.72
N LEU A 226 -4.70 -24.28 -27.15
CA LEU A 226 -5.32 -24.96 -26.04
C LEU A 226 -6.81 -25.12 -26.32
N SER A 227 -7.37 -26.22 -25.82
CA SER A 227 -8.82 -26.36 -25.82
C SER A 227 -9.42 -25.44 -24.75
N SER A 228 -10.67 -25.07 -24.97
CA SER A 228 -11.35 -24.15 -24.05
C SER A 228 -11.49 -24.79 -22.67
N PRO A 229 -11.11 -24.10 -21.60
CA PRO A 229 -11.33 -24.66 -20.26
C PRO A 229 -12.81 -24.80 -19.95
N VAL A 230 -13.13 -25.79 -19.11
CA VAL A 230 -14.52 -26.03 -18.72
C VAL A 230 -15.00 -24.86 -17.88
N LYS A 231 -16.08 -24.22 -18.31
CA LYS A 231 -16.62 -23.06 -17.60
C LYS A 231 -17.27 -23.49 -16.29
N ARG A 232 -17.36 -22.53 -15.36
CA ARG A 232 -17.92 -22.82 -14.05
C ARG A 232 -19.35 -23.33 -14.19
N PRO A 233 -19.69 -24.47 -13.60
CA PRO A 233 -21.03 -25.05 -13.83
C PRO A 233 -22.13 -24.19 -13.24
N ARG A 234 -23.31 -24.30 -13.84
CA ARG A 234 -24.49 -23.66 -13.28
C ARG A 234 -24.85 -24.30 -11.95
N LYS A 235 -25.18 -23.47 -10.97
CA LYS A 235 -25.53 -23.96 -9.64
C LYS A 235 -26.77 -24.86 -9.72
N GLU A 236 -26.60 -26.12 -9.31
CA GLU A 236 -27.69 -27.07 -9.36
C GLU A 236 -28.71 -26.80 -8.24
N PRO A 237 -29.96 -27.20 -8.43
CA PRO A 237 -30.95 -27.06 -7.35
C PRO A 237 -30.62 -27.97 -6.18
N VAL A 238 -31.19 -27.63 -5.02
CA VAL A 238 -30.96 -28.36 -3.79
C VAL A 238 -32.29 -28.60 -3.07
N ASP A 239 -32.27 -29.54 -2.14
CA ASP A 239 -33.42 -29.79 -1.27
C ASP A 239 -33.60 -28.60 -0.34
N GLU A 240 -34.63 -27.80 -0.59
CA GLU A 240 -34.91 -26.64 0.27
C GLU A 240 -35.28 -27.04 1.69
N ASP A 241 -35.79 -28.26 1.91
CA ASP A 241 -36.08 -28.67 3.28
C ASP A 241 -34.80 -29.07 4.02
N LEU A 242 -33.88 -29.73 3.32
CA LEU A 242 -32.62 -30.17 3.92
C LEU A 242 -31.62 -29.03 4.03
N TYR A 243 -31.64 -28.08 3.11
CA TYR A 243 -30.75 -26.91 3.11
C TYR A 243 -31.61 -25.65 3.01
N PRO A 244 -32.34 -25.31 4.07
CA PRO A 244 -33.28 -24.19 3.98
C PRO A 244 -32.62 -22.85 3.69
N GLU A 245 -31.36 -22.67 4.05
CA GLU A 245 -30.70 -21.38 3.91
C GLU A 245 -29.85 -21.29 2.66
N HIS A 246 -29.88 -22.30 1.79
CA HIS A 246 -29.03 -22.26 0.60
C HIS A 246 -29.49 -21.19 -0.39
N TYR A 247 -30.78 -20.84 -0.38
CA TYR A 247 -31.30 -19.84 -1.29
C TYR A 247 -30.65 -18.47 -1.07
N ARG A 248 -30.12 -18.22 0.12
CA ARG A 248 -29.45 -16.96 0.42
C ARG A 248 -28.14 -16.77 -0.34
N LYS A 249 -27.74 -17.70 -1.20
CA LYS A 249 -26.51 -17.58 -1.97
C LYS A 249 -26.78 -17.18 -3.42
N TYR A 250 -27.87 -16.48 -3.67
CA TYR A 250 -28.22 -16.07 -5.03
C TYR A 250 -27.19 -15.12 -5.64
N SER A 251 -26.32 -14.52 -4.83
CA SER A 251 -25.41 -13.49 -5.31
C SER A 251 -24.34 -14.02 -6.26
N ASP A 252 -23.97 -15.31 -6.13
CA ASP A 252 -22.98 -15.94 -7.01
C ASP A 252 -21.60 -15.30 -6.88
N TYR A 253 -21.31 -14.66 -5.76
CA TYR A 253 -20.03 -14.01 -5.52
C TYR A 253 -19.31 -14.71 -4.38
N ILE A 254 -18.02 -14.98 -4.56
CA ILE A 254 -17.22 -15.74 -3.62
C ILE A 254 -16.13 -14.83 -3.08
N LYS A 255 -16.18 -14.55 -1.78
CA LYS A 255 -15.14 -13.72 -1.18
C LYS A 255 -13.85 -14.51 -1.03
N GLY A 256 -12.74 -13.84 -1.23
CA GLY A 256 -11.46 -14.50 -1.23
C GLY A 256 -11.14 -15.26 -2.50
N SER A 257 -11.92 -15.10 -3.58
CA SER A 257 -11.72 -15.81 -4.83
C SER A 257 -10.71 -15.09 -5.72
N ASN A 258 -9.93 -15.88 -6.46
CA ASN A 258 -8.93 -15.33 -7.38
C ASN A 258 -9.32 -15.50 -8.84
N LEU A 259 -10.60 -15.73 -9.13
CA LEU A 259 -11.02 -15.89 -10.52
C LEU A 259 -10.82 -14.62 -11.35
N ASP A 260 -10.74 -13.45 -10.71
CA ASP A 260 -10.66 -12.18 -11.43
C ASP A 260 -9.36 -11.43 -11.15
N ALA A 261 -8.33 -12.10 -10.64
CA ALA A 261 -7.04 -11.45 -10.53
C ALA A 261 -6.40 -11.36 -11.92
N PRO A 262 -5.70 -10.28 -12.22
CA PRO A 262 -5.10 -10.14 -13.55
C PRO A 262 -3.87 -11.04 -13.68
N GLU A 263 -3.41 -11.15 -14.91
CA GLU A 263 -2.16 -11.82 -15.18
C GLU A 263 -0.99 -10.91 -14.81
N PRO A 264 0.12 -11.49 -14.37
CA PRO A 264 1.33 -10.68 -14.16
C PRO A 264 1.93 -10.29 -15.50
N TYR A 265 3.00 -9.50 -15.47
CA TYR A 265 3.58 -8.97 -16.69
C TYR A 265 4.04 -10.07 -17.63
N ARG A 266 3.94 -9.79 -18.93
CA ARG A 266 4.80 -10.48 -19.88
C ARG A 266 6.23 -10.07 -19.62
N ILE A 267 7.17 -10.97 -19.89
CA ILE A 267 8.58 -10.67 -19.75
C ILE A 267 9.29 -11.02 -21.04
N GLY A 268 10.10 -10.09 -21.54
CA GLY A 268 10.87 -10.32 -22.74
C GLY A 268 12.28 -9.79 -22.58
N ARG A 269 13.17 -10.33 -23.39
CA ARG A 269 14.53 -9.82 -23.53
C ARG A 269 14.59 -9.00 -24.81
N ILE A 270 15.16 -7.80 -24.71
CA ILE A 270 15.27 -6.93 -25.88
C ILE A 270 16.24 -7.55 -26.87
N LYS A 271 15.75 -7.89 -28.05
CA LYS A 271 16.62 -8.32 -29.14
C LYS A 271 17.05 -7.11 -29.97
N GLU A 272 16.09 -6.27 -30.37
CA GLU A 272 16.38 -5.07 -31.13
C GLU A 272 15.62 -3.89 -30.54
N ILE A 273 16.26 -2.72 -30.57
CA ILE A 273 15.60 -1.43 -30.44
C ILE A 273 15.73 -0.74 -31.78
N PHE A 274 14.61 -0.37 -32.38
CA PHE A 274 14.70 0.15 -33.74
C PHE A 274 13.60 1.18 -34.01
N CYS A 275 13.93 2.11 -34.91
CA CYS A 275 13.00 3.11 -35.41
C CYS A 275 12.77 2.89 -36.90
N PRO A 276 11.53 2.97 -37.36
CA PRO A 276 11.29 2.98 -38.81
C PRO A 276 11.96 4.19 -39.45
N LYS A 277 12.49 3.99 -40.66
CA LYS A 277 13.12 5.05 -41.42
C LYS A 277 12.25 5.38 -42.61
N LYS A 278 11.93 6.67 -42.77
CA LYS A 278 11.25 7.10 -43.99
C LYS A 278 12.16 6.90 -45.19
N SER A 279 11.57 6.98 -46.38
CA SER A 279 12.37 6.91 -47.60
C SER A 279 13.44 7.99 -47.62
N ASN A 280 13.19 9.09 -46.90
CA ASN A 280 14.23 10.10 -46.68
C ASN A 280 15.51 9.47 -46.17
N GLY A 281 15.40 8.59 -45.18
CA GLY A 281 16.55 7.94 -44.57
C GLY A 281 16.73 8.27 -43.11
N ARG A 282 16.17 9.38 -42.64
CA ARG A 282 16.18 9.67 -41.22
C ARG A 282 15.23 8.72 -40.49
N PRO A 283 15.52 8.41 -39.22
CA PRO A 283 14.62 7.54 -38.47
C PRO A 283 13.52 8.33 -37.80
N ASN A 284 12.34 7.73 -37.73
CA ASN A 284 11.20 8.34 -37.04
C ASN A 284 11.36 8.06 -35.55
N GLU A 285 11.77 9.07 -34.79
CA GLU A 285 12.15 8.89 -33.41
C GLU A 285 11.02 9.16 -32.43
N THR A 286 9.81 9.46 -32.91
CA THR A 286 8.64 9.47 -32.04
C THR A 286 7.91 8.13 -32.03
N ASP A 287 8.37 7.15 -32.81
CA ASP A 287 7.75 5.81 -32.85
C ASP A 287 8.88 4.78 -32.70
N ILE A 288 9.30 4.58 -31.46
CA ILE A 288 10.37 3.64 -31.15
C ILE A 288 9.74 2.27 -30.92
N LYS A 289 10.31 1.24 -31.52
CA LYS A 289 9.81 -0.12 -31.37
C LYS A 289 10.90 -1.04 -30.85
N ILE A 290 10.49 -2.12 -30.19
CA ILE A 290 11.41 -3.13 -29.69
C ILE A 290 10.94 -4.48 -30.19
N ARG A 291 11.89 -5.34 -30.51
CA ARG A 291 11.64 -6.75 -30.79
C ARG A 291 12.16 -7.55 -29.61
N VAL A 292 11.34 -8.45 -29.09
CA VAL A 292 11.71 -9.24 -27.92
C VAL A 292 11.52 -10.72 -28.23
N ASN A 293 12.31 -11.53 -27.52
CA ASN A 293 11.97 -12.93 -27.32
C ASN A 293 11.02 -13.07 -26.14
N LYS A 294 9.96 -13.85 -26.32
CA LYS A 294 9.01 -14.10 -25.24
C LYS A 294 9.61 -15.08 -24.23
N PHE A 295 9.40 -14.79 -22.96
CA PHE A 295 9.64 -15.76 -21.90
C PHE A 295 8.31 -16.36 -21.45
N TYR A 296 8.32 -17.65 -21.16
CA TYR A 296 7.16 -18.33 -20.60
C TYR A 296 7.31 -18.39 -19.09
N ARG A 297 6.25 -18.01 -18.37
CA ARG A 297 6.17 -18.46 -17.00
C ARG A 297 5.69 -19.91 -16.99
N PRO A 298 6.03 -20.68 -15.95
CA PRO A 298 5.57 -22.08 -15.92
C PRO A 298 4.07 -22.22 -16.16
N GLU A 299 3.27 -21.34 -15.57
CA GLU A 299 1.82 -21.40 -15.76
C GLU A 299 1.37 -21.03 -17.19
N ASN A 300 2.27 -20.48 -18.02
CA ASN A 300 1.93 -20.17 -19.41
C ASN A 300 2.13 -21.35 -20.36
N THR A 301 2.76 -22.43 -19.90
CA THR A 301 3.00 -23.60 -20.72
C THR A 301 1.73 -24.46 -20.77
N HIS A 302 1.83 -25.58 -21.48
CA HIS A 302 0.74 -26.56 -21.46
C HIS A 302 0.52 -27.11 -20.05
N LYS A 303 1.59 -27.16 -19.24
CA LYS A 303 1.38 -27.25 -17.80
C LYS A 303 0.69 -25.96 -17.38
N SER A 304 -0.54 -26.07 -16.93
CA SER A 304 -1.34 -24.89 -16.61
C SER A 304 -0.90 -24.33 -15.26
N THR A 305 -1.80 -23.64 -14.60
CA THR A 305 -1.62 -23.16 -13.22
C THR A 305 -0.88 -24.13 -12.30
N PRO A 306 -1.17 -25.45 -12.29
CA PRO A 306 -0.46 -26.33 -11.34
C PRO A 306 1.07 -26.30 -11.44
N ALA A 307 1.63 -25.91 -12.59
CA ALA A 307 3.08 -25.77 -12.67
C ALA A 307 3.60 -24.62 -11.81
N SER A 308 2.74 -23.69 -11.41
CA SER A 308 3.21 -22.62 -10.54
C SER A 308 3.33 -23.03 -9.07
N TYR A 309 2.80 -24.20 -8.70
CA TYR A 309 2.70 -24.55 -7.27
C TYR A 309 4.07 -24.63 -6.60
N HIS A 310 5.02 -25.35 -7.23
CA HIS A 310 6.33 -25.59 -6.65
C HIS A 310 7.41 -24.63 -7.12
N ALA A 311 7.22 -23.97 -8.26
CA ALA A 311 8.30 -23.19 -8.88
C ALA A 311 8.58 -21.91 -8.11
N ASP A 312 9.84 -21.48 -8.16
CA ASP A 312 10.20 -20.13 -7.73
C ASP A 312 9.37 -19.11 -8.49
N ILE A 313 8.92 -18.08 -7.77
CA ILE A 313 8.07 -17.06 -8.39
C ILE A 313 8.80 -16.26 -9.44
N ASN A 314 10.13 -16.28 -9.46
CA ASN A 314 10.89 -15.58 -10.49
C ASN A 314 11.54 -16.53 -11.49
N LEU A 315 11.02 -17.75 -11.63
CA LEU A 315 11.50 -18.69 -12.63
C LEU A 315 10.80 -18.46 -13.97
N LEU A 316 11.58 -18.45 -15.05
CA LEU A 316 11.07 -18.30 -16.39
C LEU A 316 11.62 -19.43 -17.26
N TYR A 317 11.03 -19.57 -18.45
CA TYR A 317 11.57 -20.42 -19.51
C TYR A 317 11.87 -19.57 -20.74
N TRP A 318 13.03 -19.81 -21.35
CA TRP A 318 13.31 -19.21 -22.64
C TRP A 318 12.36 -19.74 -23.70
N SER A 319 12.09 -18.89 -24.70
CA SER A 319 11.31 -19.28 -25.86
C SER A 319 11.87 -18.56 -27.08
N ASP A 320 11.73 -19.18 -28.24
CA ASP A 320 12.16 -18.57 -29.48
C ASP A 320 11.06 -17.76 -30.15
N GLU A 321 9.85 -17.79 -29.61
CA GLU A 321 8.79 -16.92 -30.13
C GLU A 321 9.21 -15.47 -29.96
N GLU A 322 8.98 -14.66 -31.00
CA GLU A 322 9.33 -13.26 -30.96
C GLU A 322 8.08 -12.39 -31.11
N ALA A 323 8.18 -11.16 -30.63
CA ALA A 323 7.11 -10.19 -30.80
C ALA A 323 7.73 -8.81 -31.00
N VAL A 324 6.97 -7.94 -31.64
CA VAL A 324 7.33 -6.53 -31.78
C VAL A 324 6.25 -5.70 -31.11
N VAL A 325 6.67 -4.83 -30.19
CA VAL A 325 5.74 -3.94 -29.51
C VAL A 325 6.34 -2.54 -29.50
N ASP A 326 5.48 -1.56 -29.24
CA ASP A 326 5.95 -0.19 -29.09
C ASP A 326 6.75 -0.04 -27.80
N PHE A 327 7.82 0.75 -27.87
CA PHE A 327 8.59 1.08 -26.68
C PHE A 327 7.71 1.71 -25.61
N LYS A 328 6.69 2.48 -26.03
CA LYS A 328 5.76 3.07 -25.09
C LYS A 328 5.04 2.04 -24.23
N ALA A 329 4.92 0.80 -24.70
CA ALA A 329 4.22 -0.21 -23.93
C ALA A 329 5.05 -0.79 -22.80
N VAL A 330 6.37 -0.59 -22.81
CA VAL A 330 7.24 -1.15 -21.78
C VAL A 330 6.87 -0.58 -20.43
N GLN A 331 6.66 -1.47 -19.45
CA GLN A 331 6.27 -1.05 -18.10
C GLN A 331 7.45 -0.92 -17.16
N GLY A 332 8.62 -1.43 -17.52
CA GLY A 332 9.78 -1.32 -16.66
C GLY A 332 10.86 -2.27 -17.11
N ARG A 333 12.01 -2.13 -16.46
CA ARG A 333 13.19 -2.90 -16.77
C ARG A 333 13.37 -3.98 -15.70
N CYS A 334 13.80 -5.15 -16.13
CA CYS A 334 14.08 -6.23 -15.18
C CYS A 334 15.33 -6.98 -15.63
N THR A 335 15.85 -7.80 -14.73
CA THR A 335 17.03 -8.62 -15.02
C THR A 335 16.59 -10.06 -15.19
N VAL A 336 16.89 -10.64 -16.35
CA VAL A 336 16.64 -12.04 -16.61
C VAL A 336 17.97 -12.68 -16.99
N GLU A 337 18.48 -13.55 -16.14
CA GLU A 337 19.79 -14.15 -16.32
C GLU A 337 19.69 -15.66 -16.46
N TYR A 338 20.66 -16.24 -17.16
CA TYR A 338 20.80 -17.70 -17.20
C TYR A 338 21.34 -18.18 -15.87
N GLY A 339 20.59 -19.05 -15.20
CA GLY A 339 20.92 -19.41 -13.83
C GLY A 339 22.29 -20.05 -13.69
N GLU A 340 22.64 -20.97 -14.60
CA GLU A 340 23.90 -21.69 -14.47
C GLU A 340 25.11 -20.78 -14.70
N ASP A 341 24.95 -19.73 -15.52
CA ASP A 341 26.05 -18.80 -15.75
C ASP A 341 26.17 -17.73 -14.67
N LEU A 342 25.24 -17.68 -13.73
CA LEU A 342 25.35 -16.74 -12.63
C LEU A 342 26.44 -17.20 -11.66
N PRO A 343 27.26 -16.29 -11.15
CA PRO A 343 28.33 -16.72 -10.22
C PRO A 343 27.81 -17.21 -8.89
N GLU A 344 26.86 -16.48 -8.29
CA GLU A 344 26.33 -16.82 -6.99
C GLU A 344 25.25 -17.89 -7.12
N CYS A 345 24.76 -18.35 -5.97
CA CYS A 345 23.58 -19.20 -5.97
C CYS A 345 22.35 -18.35 -6.30
N VAL A 346 21.32 -19.04 -6.79
CA VAL A 346 20.10 -18.36 -7.23
C VAL A 346 19.44 -17.63 -6.06
N GLN A 347 19.54 -18.17 -4.84
CA GLN A 347 18.87 -17.51 -3.71
C GLN A 347 19.55 -16.19 -3.36
N VAL A 348 20.89 -16.14 -3.38
CA VAL A 348 21.58 -14.89 -3.08
C VAL A 348 21.35 -13.89 -4.21
N TYR A 349 21.35 -14.36 -5.45
CA TYR A 349 20.96 -13.50 -6.58
C TYR A 349 19.55 -12.97 -6.40
N SER A 350 18.60 -13.85 -6.10
CA SER A 350 17.21 -13.44 -5.99
C SER A 350 16.98 -12.46 -4.86
N MET A 351 17.75 -12.57 -3.78
CA MET A 351 17.54 -11.71 -2.62
C MET A 351 18.35 -10.43 -2.67
N GLY A 352 19.26 -10.30 -3.64
CA GLY A 352 20.13 -9.15 -3.71
C GLY A 352 19.53 -7.90 -4.31
N GLY A 353 18.41 -7.98 -5.01
CA GLY A 353 17.85 -6.82 -5.65
C GLY A 353 16.50 -7.03 -6.28
N PRO A 354 15.81 -5.94 -6.59
CA PRO A 354 14.47 -6.05 -7.17
C PRO A 354 14.50 -6.47 -8.63
N ASN A 355 13.37 -7.00 -9.09
CA ASN A 355 13.12 -7.27 -10.51
C ASN A 355 14.10 -8.29 -11.07
N ARG A 356 14.42 -9.32 -10.31
CA ARG A 356 15.41 -10.31 -10.73
C ARG A 356 14.73 -11.63 -11.06
N PHE A 357 15.00 -12.13 -12.26
CA PHE A 357 14.44 -13.37 -12.76
C PHE A 357 15.57 -14.24 -13.27
N TYR A 358 15.29 -15.53 -13.43
CA TYR A 358 16.29 -16.45 -13.98
C TYR A 358 15.56 -17.56 -14.72
N PHE A 359 16.30 -18.22 -15.61
CA PHE A 359 15.80 -19.37 -16.33
C PHE A 359 16.87 -20.46 -16.37
N LEU A 360 16.42 -21.69 -16.57
CA LEU A 360 17.30 -22.84 -16.77
C LEU A 360 17.05 -23.58 -18.07
N GLU A 361 15.81 -23.60 -18.55
CA GLU A 361 15.43 -24.38 -19.73
C GLU A 361 14.68 -23.49 -20.72
N ALA A 362 14.37 -24.07 -21.88
CA ALA A 362 13.54 -23.43 -22.89
C ALA A 362 12.32 -24.29 -23.19
N TYR A 363 11.24 -23.64 -23.61
CA TYR A 363 9.98 -24.31 -23.87
C TYR A 363 9.64 -24.23 -25.34
N ASN A 364 9.22 -25.36 -25.91
CA ASN A 364 8.85 -25.48 -27.32
C ASN A 364 7.34 -25.64 -27.41
N ALA A 365 6.65 -24.57 -27.81
CA ALA A 365 5.18 -24.58 -27.85
C ALA A 365 4.64 -25.60 -28.83
N LYS A 366 5.29 -25.74 -30.00
CA LYS A 366 4.77 -26.63 -31.04
C LYS A 366 4.78 -28.09 -30.59
N SER A 367 5.85 -28.53 -29.94
CA SER A 367 5.96 -29.90 -29.47
C SER A 367 5.52 -30.09 -28.02
N LYS A 368 5.15 -29.00 -27.33
CA LYS A 368 4.73 -29.05 -25.92
C LYS A 368 5.77 -29.77 -25.06
N SER A 369 7.04 -29.39 -25.25
CA SER A 369 8.16 -30.08 -24.62
C SER A 369 9.21 -29.05 -24.20
N PHE A 370 10.04 -29.44 -23.25
CA PHE A 370 11.02 -28.55 -22.62
C PHE A 370 12.43 -28.92 -23.12
N GLU A 371 12.87 -28.21 -24.15
CA GLU A 371 14.20 -28.42 -24.69
C GLU A 371 15.21 -27.62 -23.86
N ASP A 372 16.45 -27.53 -24.32
CA ASP A 372 17.36 -26.66 -23.61
C ASP A 372 17.60 -25.39 -24.41
N PRO A 373 17.82 -24.25 -23.74
CA PRO A 373 17.89 -22.99 -24.47
C PRO A 373 19.08 -22.97 -25.43
N PRO A 374 18.94 -22.29 -26.56
CA PRO A 374 20.10 -22.08 -27.44
C PRO A 374 21.16 -21.26 -26.72
N ASN A 375 22.41 -21.46 -27.13
CA ASN A 375 23.57 -20.87 -26.47
C ASN A 375 23.66 -19.35 -26.62
N HIS A 376 22.90 -18.76 -27.53
CA HIS A 376 22.99 -17.31 -27.76
C HIS A 376 22.29 -16.51 -26.67
N ALA A 377 21.99 -17.12 -25.53
CA ALA A 377 21.64 -16.44 -24.31
C ALA A 377 22.74 -16.67 -23.29
N ARG A 378 23.23 -15.59 -22.69
CA ARG A 378 24.31 -15.68 -21.70
C ARG A 378 24.49 -14.35 -20.96
N LYS A 409 26.89 -0.71 1.87
CA LYS A 409 25.91 -0.75 2.94
C LYS A 409 26.12 0.40 3.93
N LEU A 410 25.00 1.08 4.30
CA LEU A 410 25.02 2.19 5.23
C LEU A 410 24.73 1.71 6.65
N PRO A 411 25.20 2.43 7.66
CA PRO A 411 24.82 2.09 9.03
C PRO A 411 23.31 2.19 9.21
N LYS A 412 22.75 1.23 9.93
CA LYS A 412 21.32 1.17 10.16
C LYS A 412 20.89 2.29 11.09
N LEU A 413 19.62 2.67 10.97
CA LEU A 413 19.04 3.72 11.79
C LEU A 413 18.65 3.17 13.16
N ARG A 414 19.04 3.89 14.21
CA ARG A 414 18.55 3.57 15.54
C ARG A 414 17.06 3.89 15.61
N THR A 415 16.24 2.88 15.89
CA THR A 415 14.81 2.96 15.70
C THR A 415 14.08 2.77 17.02
N LEU A 416 13.10 3.62 17.27
CA LEU A 416 12.15 3.45 18.36
C LEU A 416 10.82 3.04 17.75
N ASP A 417 10.30 1.90 18.19
CA ASP A 417 9.03 1.36 17.69
C ASP A 417 8.00 1.50 18.81
N VAL A 418 7.01 2.33 18.59
CA VAL A 418 5.99 2.59 19.60
C VAL A 418 4.76 1.78 19.25
N PHE A 419 4.09 1.23 20.27
CA PHE A 419 3.04 0.25 20.05
C PHE A 419 3.61 -0.93 19.27
N SER A 420 4.72 -1.47 19.76
CA SER A 420 5.53 -2.36 18.95
C SER A 420 4.81 -3.68 18.66
N GLY A 421 3.87 -4.08 19.50
CA GLY A 421 3.28 -5.39 19.35
C GLY A 421 4.36 -6.46 19.44
N CYS A 422 4.11 -7.61 18.82
CA CYS A 422 5.15 -8.63 18.80
C CYS A 422 6.27 -8.30 17.83
N GLY A 423 6.06 -7.32 16.94
CA GLY A 423 7.14 -6.74 16.17
C GLY A 423 7.10 -6.95 14.66
N GLY A 424 5.91 -7.05 14.08
CA GLY A 424 5.82 -7.27 12.64
C GLY A 424 6.44 -6.13 11.84
N LEU A 425 6.18 -4.90 12.26
CA LEU A 425 6.74 -3.75 11.55
C LEU A 425 8.27 -3.72 11.68
N SER A 426 8.77 -3.92 12.89
CA SER A 426 10.23 -3.94 13.10
C SER A 426 10.89 -5.08 12.34
N GLU A 427 10.21 -6.22 12.24
CA GLU A 427 10.80 -7.35 11.52
C GLU A 427 10.99 -7.02 10.03
N GLY A 428 9.98 -6.41 9.40
CA GLY A 428 10.12 -6.06 8.00
C GLY A 428 11.19 -5.01 7.76
N PHE A 429 11.27 -4.02 8.64
CA PHE A 429 12.32 -3.01 8.52
C PHE A 429 13.70 -3.62 8.71
N HIS A 430 13.82 -4.58 9.62
CA HIS A 430 15.12 -5.24 9.76
C HIS A 430 15.46 -6.05 8.52
N GLN A 431 14.47 -6.72 7.93
CA GLN A 431 14.70 -7.43 6.67
C GLN A 431 15.10 -6.48 5.54
N ALA A 432 14.61 -5.24 5.57
CA ALA A 432 15.01 -4.30 4.54
C ALA A 432 16.42 -3.75 4.77
N GLY A 433 17.03 -4.03 5.92
CA GLY A 433 18.39 -3.60 6.17
C GLY A 433 18.56 -2.16 6.63
N ILE A 434 17.49 -1.47 7.03
CA ILE A 434 17.61 -0.06 7.37
C ILE A 434 17.59 0.23 8.86
N SER A 435 17.24 -0.76 9.68
CA SER A 435 16.80 -0.46 11.03
C SER A 435 17.42 -1.41 12.05
N ASP A 436 17.84 -0.84 13.17
CA ASP A 436 18.15 -1.58 14.38
C ASP A 436 17.23 -1.01 15.45
N THR A 437 16.19 -1.75 15.80
CA THR A 437 15.21 -1.28 16.78
C THR A 437 15.83 -1.44 18.17
N LEU A 438 16.38 -0.36 18.70
CA LEU A 438 17.00 -0.38 20.02
C LEU A 438 15.99 -0.16 21.14
N TRP A 439 14.83 0.41 20.85
CA TRP A 439 13.80 0.67 21.85
C TRP A 439 12.44 0.30 21.30
N ALA A 440 11.63 -0.36 22.12
CA ALA A 440 10.25 -0.66 21.78
C ALA A 440 9.37 -0.34 22.99
N ILE A 441 8.18 0.19 22.73
CA ILE A 441 7.23 0.53 23.78
C ILE A 441 5.96 -0.25 23.52
N GLU A 442 5.58 -1.10 24.47
CA GLU A 442 4.43 -1.98 24.29
C GLU A 442 3.81 -2.25 25.64
N MET A 443 2.57 -1.82 25.82
CA MET A 443 1.94 -1.88 27.13
C MET A 443 1.47 -3.28 27.48
N TRP A 444 1.17 -4.12 26.49
CA TRP A 444 0.60 -5.43 26.73
C TRP A 444 1.73 -6.45 26.91
N ASP A 445 1.81 -7.03 28.10
CA ASP A 445 3.00 -7.82 28.47
C ASP A 445 3.28 -8.99 27.55
N PRO A 446 2.30 -9.85 27.19
CA PRO A 446 2.62 -10.95 26.25
C PRO A 446 3.28 -10.51 24.95
N ALA A 447 2.79 -9.45 24.31
CA ALA A 447 3.39 -8.97 23.07
C ALA A 447 4.78 -8.40 23.32
N ALA A 448 4.96 -7.70 24.45
CA ALA A 448 6.29 -7.21 24.81
C ALA A 448 7.27 -8.36 25.00
N GLN A 449 6.83 -9.44 25.65
CA GLN A 449 7.69 -10.61 25.79
C GLN A 449 8.00 -11.23 24.44
N ALA A 450 7.00 -11.31 23.56
CA ALA A 450 7.28 -11.80 22.21
C ALA A 450 8.30 -10.93 21.52
N PHE A 451 8.17 -9.60 21.65
CA PHE A 451 9.14 -8.72 20.99
C PHE A 451 10.54 -8.96 21.53
N ARG A 452 10.66 -9.20 22.84
CA ARG A 452 11.96 -9.45 23.45
C ARG A 452 12.59 -10.73 22.91
N LEU A 453 11.80 -11.80 22.79
CA LEU A 453 12.31 -13.06 22.28
C LEU A 453 12.88 -12.93 20.88
N ASN A 454 12.33 -12.02 20.07
CA ASN A 454 12.83 -11.85 18.72
C ASN A 454 13.87 -10.74 18.60
N ASN A 455 14.03 -9.90 19.63
CA ASN A 455 14.95 -8.76 19.57
C ASN A 455 15.79 -8.70 20.85
N PRO A 456 16.72 -9.65 21.02
CA PRO A 456 17.52 -9.67 22.26
C PRO A 456 18.39 -8.44 22.46
N GLY A 457 18.70 -7.70 21.40
CA GLY A 457 19.48 -6.48 21.58
C GLY A 457 18.68 -5.24 21.94
N SER A 458 17.36 -5.35 22.05
CA SER A 458 16.51 -4.18 22.20
C SER A 458 16.06 -3.99 23.65
N THR A 459 15.88 -2.73 24.03
CA THR A 459 15.32 -2.36 25.33
C THR A 459 13.81 -2.21 25.15
N VAL A 460 13.03 -3.08 25.79
CA VAL A 460 11.59 -3.13 25.59
C VAL A 460 10.91 -2.60 26.86
N PHE A 461 10.22 -1.48 26.72
CA PHE A 461 9.50 -0.87 27.83
C PHE A 461 8.06 -1.37 27.80
N THR A 462 7.68 -2.14 28.82
CA THR A 462 6.29 -2.55 29.00
C THR A 462 5.58 -1.44 29.77
N GLU A 463 5.24 -0.39 29.03
CA GLU A 463 4.79 0.88 29.61
C GLU A 463 3.75 1.53 28.72
N ASP A 464 2.84 2.26 29.34
CA ASP A 464 2.03 3.24 28.62
C ASP A 464 2.96 4.26 27.95
N CYS A 465 2.78 4.48 26.63
CA CYS A 465 3.66 5.43 25.96
C CYS A 465 3.47 6.85 26.45
N ASN A 466 2.26 7.20 26.93
CA ASN A 466 2.03 8.51 27.53
C ASN A 466 2.92 8.72 28.75
N ILE A 467 3.04 7.71 29.61
CA ILE A 467 3.84 7.85 30.82
C ILE A 467 5.30 8.03 30.48
N LEU A 468 5.80 7.23 29.54
CA LEU A 468 7.23 7.30 29.20
C LEU A 468 7.59 8.67 28.66
N LEU A 469 6.74 9.24 27.80
CA LEU A 469 7.05 10.54 27.23
C LEU A 469 7.11 11.60 28.33
N LYS A 470 6.17 11.54 29.28
CA LYS A 470 6.18 12.49 30.40
C LYS A 470 7.48 12.38 31.20
N LEU A 471 7.96 11.15 31.44
CA LEU A 471 9.19 10.98 32.19
C LEU A 471 10.37 11.60 31.45
N VAL A 472 10.46 11.34 30.14
CA VAL A 472 11.55 11.90 29.34
C VAL A 472 11.47 13.42 29.32
N MET A 473 10.28 13.98 29.14
CA MET A 473 10.15 15.42 29.09
C MET A 473 10.40 16.06 30.44
N ALA A 474 10.19 15.34 31.53
CA ALA A 474 10.51 15.86 32.85
C ALA A 474 12.00 15.78 33.16
N GLY A 475 12.79 15.19 32.28
CA GLY A 475 14.21 15.05 32.52
C GLY A 475 14.65 13.75 33.15
N GLU A 476 13.77 12.76 33.24
CA GLU A 476 14.15 11.46 33.80
C GLU A 476 15.06 10.71 32.84
N THR A 477 15.96 9.91 33.40
CA THR A 477 16.85 9.12 32.57
C THR A 477 16.51 7.63 32.56
N THR A 478 15.81 7.13 33.58
CA THR A 478 15.44 5.72 33.63
C THR A 478 13.96 5.61 34.00
N ASN A 479 13.32 4.58 33.46
CA ASN A 479 11.97 4.26 33.88
C ASN A 479 12.04 3.54 35.23
N SER A 480 10.90 3.07 35.73
CA SER A 480 10.92 2.52 37.08
C SER A 480 11.58 1.15 37.17
N ARG A 481 11.82 0.48 36.04
CA ARG A 481 12.56 -0.77 35.96
CA ARG A 481 12.56 -0.78 36.04
C ARG A 481 14.07 -0.58 35.99
N GLY A 482 14.54 0.65 35.85
CA GLY A 482 15.97 0.91 35.71
C GLY A 482 16.44 0.93 34.27
N GLN A 483 15.54 0.86 33.30
CA GLN A 483 15.91 0.84 31.89
C GLN A 483 16.16 2.27 31.38
N ARG A 484 17.25 2.43 30.62
CA ARG A 484 17.61 3.76 30.15
C ARG A 484 16.65 4.25 29.07
N LEU A 485 16.05 5.43 29.29
CA LEU A 485 15.13 6.02 28.30
C LEU A 485 15.92 6.66 27.16
N PRO A 486 15.43 6.53 25.92
CA PRO A 486 16.06 7.24 24.80
C PRO A 486 15.96 8.74 24.97
N GLN A 487 17.01 9.44 24.55
CA GLN A 487 17.07 10.89 24.63
C GLN A 487 17.18 11.47 23.22
N LYS A 488 17.02 12.80 23.12
CA LYS A 488 17.13 13.45 21.83
C LYS A 488 18.48 13.11 21.18
N GLY A 489 18.44 12.80 19.89
CA GLY A 489 19.61 12.36 19.18
C GLY A 489 19.79 10.85 19.14
N ASP A 490 19.28 10.14 20.15
CA ASP A 490 19.33 8.67 20.10
C ASP A 490 18.44 8.13 18.98
N VAL A 491 17.24 8.68 18.84
CA VAL A 491 16.22 8.13 17.96
C VAL A 491 16.40 8.74 16.58
N GLU A 492 16.65 7.90 15.57
CA GLU A 492 16.81 8.36 14.20
C GLU A 492 15.63 7.96 13.32
N MET A 493 14.90 6.93 13.70
CA MET A 493 13.68 6.56 13.01
C MET A 493 12.65 6.20 14.06
N LEU A 494 11.42 6.67 13.83
CA LEU A 494 10.29 6.46 14.72
C LEU A 494 9.19 5.78 13.93
N CYS A 495 8.70 4.65 14.43
CA CYS A 495 7.64 3.96 13.71
C CYS A 495 6.65 3.37 14.70
N GLY A 496 5.41 3.20 14.24
CA GLY A 496 4.39 2.60 15.08
C GLY A 496 3.00 2.62 14.46
N GLY A 497 2.11 1.77 14.99
CA GLY A 497 0.72 1.92 14.67
C GLY A 497 -0.11 2.16 15.92
N PRO A 498 -0.49 3.42 16.13
CA PRO A 498 -1.32 3.74 17.29
C PRO A 498 -2.77 3.39 17.04
N PRO A 499 -3.40 2.64 17.94
CA PRO A 499 -4.82 2.32 17.76
C PRO A 499 -5.69 3.56 17.90
N CYS A 500 -6.91 3.46 17.35
CA CYS A 500 -7.92 4.51 17.47
C CYS A 500 -9.16 3.91 18.11
N GLN A 501 -9.68 4.56 19.16
CA GLN A 501 -10.82 4.04 19.89
C GLN A 501 -12.05 4.95 19.82
N GLY A 502 -11.94 6.19 20.28
CA GLY A 502 -13.13 7.01 20.47
C GLY A 502 -13.54 7.83 19.27
N PHE A 503 -12.64 7.98 18.31
CA PHE A 503 -12.85 8.82 17.13
C PHE A 503 -12.92 8.00 15.85
N SER A 504 -13.12 6.69 15.97
CA SER A 504 -13.22 5.81 14.81
C SER A 504 -14.52 6.03 14.03
N GLY A 505 -15.42 6.88 14.52
CA GLY A 505 -16.64 7.14 13.79
C GLY A 505 -16.41 7.95 12.54
N MET A 506 -17.41 7.91 11.66
CA MET A 506 -17.40 8.68 10.41
C MET A 506 -18.21 9.96 10.51
N ASN A 507 -18.83 10.24 11.65
CA ASN A 507 -19.69 11.41 11.82
C ASN A 507 -18.83 12.64 12.08
N ARG A 508 -19.47 13.75 12.45
CA ARG A 508 -18.73 14.99 12.68
C ARG A 508 -17.91 14.90 13.97
N PHE A 509 -16.94 15.80 14.07
CA PHE A 509 -16.14 15.95 15.28
C PHE A 509 -16.70 17.10 16.12
N ASN A 510 -16.82 16.86 17.42
CA ASN A 510 -17.35 17.86 18.34
C ASN A 510 -16.42 18.07 19.52
N SER A 511 -16.89 18.82 20.53
CA SER A 511 -16.05 19.16 21.67
C SER A 511 -15.57 17.91 22.40
N ARG A 512 -16.45 16.91 22.56
CA ARG A 512 -16.05 15.69 23.26
C ARG A 512 -15.05 14.87 22.44
N THR A 513 -15.34 14.65 21.15
CA THR A 513 -14.48 13.82 20.32
C THR A 513 -13.11 14.48 20.12
N TYR A 514 -13.09 15.78 19.82
CA TYR A 514 -11.82 16.46 19.60
C TYR A 514 -10.97 16.49 20.87
N SER A 515 -11.60 16.67 22.03
CA SER A 515 -10.87 16.54 23.29
C SER A 515 -10.33 15.12 23.43
N LYS A 516 -11.13 14.12 23.05
CA LYS A 516 -10.63 12.75 23.02
C LYS A 516 -9.52 12.59 22.00
N PHE A 517 -9.52 13.38 20.93
CA PHE A 517 -8.44 13.29 19.96
C PHE A 517 -7.16 13.94 20.48
N LYS A 518 -7.28 15.09 21.15
CA LYS A 518 -6.11 15.76 21.69
C LYS A 518 -5.40 14.91 22.73
N ASN A 519 -6.12 13.99 23.38
CA ASN A 519 -5.54 13.09 24.36
C ASN A 519 -5.38 11.67 23.82
N SER A 520 -5.44 11.49 22.51
CA SER A 520 -5.39 10.16 21.90
C SER A 520 -3.96 9.68 21.69
N LEU A 521 -3.84 8.37 21.41
CA LEU A 521 -2.54 7.79 21.15
C LEU A 521 -1.92 8.31 19.85
N VAL A 522 -2.75 8.72 18.89
CA VAL A 522 -2.22 9.34 17.68
C VAL A 522 -1.46 10.61 18.03
N VAL A 523 -2.07 11.47 18.84
CA VAL A 523 -1.40 12.70 19.24
C VAL A 523 -0.19 12.41 20.10
N SER A 524 -0.28 11.39 20.97
CA SER A 524 0.89 10.99 21.73
CA SER A 524 0.89 10.99 21.73
C SER A 524 2.02 10.55 20.81
N PHE A 525 1.69 9.80 19.75
CA PHE A 525 2.71 9.38 18.80
C PHE A 525 3.32 10.58 18.07
N LEU A 526 2.47 11.55 17.69
CA LEU A 526 2.99 12.78 17.10
C LEU A 526 3.87 13.54 18.09
N SER A 527 3.55 13.49 19.39
CA SER A 527 4.39 14.14 20.39
C SER A 527 5.77 13.48 20.48
N TYR A 528 5.83 12.16 20.34
CA TYR A 528 7.14 11.52 20.21
C TYR A 528 7.90 12.08 19.01
N CYS A 529 7.22 12.24 17.87
CA CYS A 529 7.88 12.76 16.68
C CYS A 529 8.40 14.18 16.92
N ASP A 530 7.58 15.03 17.53
CA ASP A 530 7.98 16.41 17.80
C ASP A 530 9.16 16.46 18.78
N TYR A 531 9.19 15.57 19.77
CA TYR A 531 10.26 15.61 20.75
C TYR A 531 11.58 15.10 20.18
N TYR A 532 11.58 13.88 19.64
CA TYR A 532 12.81 13.26 19.18
C TYR A 532 13.26 13.75 17.79
N ARG A 533 12.34 14.23 16.98
CA ARG A 533 12.63 14.70 15.63
C ARG A 533 13.49 13.73 14.82
N PRO A 534 13.04 12.49 14.63
CA PRO A 534 13.82 11.52 13.85
C PRO A 534 13.95 11.93 12.39
N ARG A 535 14.91 11.28 11.72
CA ARG A 535 15.09 11.47 10.28
C ARG A 535 13.86 11.01 9.49
N PHE A 536 13.28 9.87 9.89
CA PHE A 536 12.13 9.30 9.20
C PHE A 536 11.07 8.88 10.22
N PHE A 537 9.82 8.97 9.79
CA PHE A 537 8.67 8.72 10.66
C PHE A 537 7.64 7.94 9.86
N LEU A 538 7.08 6.90 10.46
CA LEU A 538 6.09 6.07 9.80
C LEU A 538 4.95 5.80 10.77
N LEU A 539 3.74 6.14 10.35
CA LEU A 539 2.53 5.84 11.11
C LEU A 539 1.68 4.94 10.24
N GLU A 540 1.32 3.78 10.75
CA GLU A 540 0.52 2.80 10.04
C GLU A 540 -0.81 2.63 10.79
N ASN A 541 -1.88 2.36 10.06
CA ASN A 541 -3.19 2.25 10.69
C ASN A 541 -4.16 1.54 9.76
N VAL A 542 -5.37 1.30 10.27
CA VAL A 542 -6.42 0.72 9.44
C VAL A 542 -6.78 1.71 8.33
N ARG A 543 -7.27 1.18 7.20
CA ARG A 543 -7.59 2.03 6.05
C ARG A 543 -8.49 3.20 6.44
N ASN A 544 -9.48 2.97 7.30
CA ASN A 544 -10.44 4.01 7.63
C ASN A 544 -9.84 5.18 8.41
N PHE A 545 -8.59 5.08 8.86
CA PHE A 545 -7.89 6.23 9.41
C PHE A 545 -7.98 7.45 8.48
N VAL A 546 -8.00 7.23 7.17
CA VAL A 546 -8.02 8.34 6.22
C VAL A 546 -9.39 9.01 6.13
N SER A 547 -10.44 8.37 6.65
CA SER A 547 -11.77 8.94 6.54
C SER A 547 -12.46 9.18 7.88
N PHE A 548 -11.85 8.78 9.00
CA PHE A 548 -12.42 9.00 10.32
C PHE A 548 -12.81 10.46 10.51
N LYS A 549 -14.04 10.68 11.00
CA LYS A 549 -14.52 12.02 11.33
C LYS A 549 -14.37 12.96 10.13
N ARG A 550 -14.90 12.52 8.98
CA ARG A 550 -14.80 13.28 7.74
C ARG A 550 -13.35 13.64 7.40
N SER A 551 -12.44 12.69 7.63
CA SER A 551 -11.02 12.81 7.33
C SER A 551 -10.31 13.85 8.19
N MET A 552 -10.91 14.30 9.30
CA MET A 552 -10.27 15.31 10.13
C MET A 552 -9.08 14.75 10.90
N VAL A 553 -9.13 13.48 11.29
CA VAL A 553 -7.98 12.87 11.97
C VAL A 553 -6.76 12.87 11.06
N LEU A 554 -6.94 12.42 9.81
CA LEU A 554 -5.87 12.47 8.83
C LEU A 554 -5.37 13.89 8.62
N LYS A 555 -6.30 14.83 8.42
CA LYS A 555 -5.93 16.21 8.13
C LYS A 555 -5.19 16.85 9.31
N LEU A 556 -5.63 16.55 10.54
CA LEU A 556 -4.94 17.12 11.70
C LEU A 556 -3.58 16.47 11.91
N THR A 557 -3.44 15.18 11.56
CA THR A 557 -2.14 14.53 11.65
C THR A 557 -1.13 15.16 10.68
N LEU A 558 -1.55 15.39 9.43
CA LEU A 558 -0.67 16.01 8.44
C LEU A 558 -0.32 17.44 8.83
N ARG A 559 -1.28 18.17 9.41
CA ARG A 559 -1.02 19.53 9.85
C ARG A 559 0.03 19.56 10.96
N CYS A 560 0.00 18.59 11.89
CA CYS A 560 1.02 18.55 12.93
C CYS A 560 2.42 18.38 12.33
N LEU A 561 2.56 17.42 11.42
CA LEU A 561 3.86 17.20 10.79
C LEU A 561 4.34 18.44 10.05
N VAL A 562 3.44 19.06 9.28
CA VAL A 562 3.81 20.28 8.56
C VAL A 562 4.23 21.37 9.53
N ARG A 563 3.47 21.53 10.62
CA ARG A 563 3.81 22.51 11.63
C ARG A 563 5.20 22.24 12.24
N MET A 564 5.50 20.98 12.52
CA MET A 564 6.86 20.64 12.98
C MET A 564 7.92 20.96 11.93
N GLY A 565 7.55 21.07 10.66
CA GLY A 565 8.50 21.24 9.59
C GLY A 565 8.88 19.97 8.83
N TYR A 566 8.16 18.88 9.04
CA TYR A 566 8.43 17.64 8.32
C TYR A 566 7.89 17.69 6.90
N GLN A 567 8.63 17.07 5.97
CA GLN A 567 8.03 16.62 4.73
C GLN A 567 7.12 15.44 5.05
N CYS A 568 6.03 15.30 4.30
CA CYS A 568 5.15 14.17 4.63
C CYS A 568 4.22 13.85 3.48
N THR A 569 3.66 12.65 3.54
CA THR A 569 2.64 12.20 2.59
C THR A 569 1.84 11.07 3.26
N PHE A 570 0.77 10.66 2.59
CA PHE A 570 -0.06 9.57 3.07
C PHE A 570 -0.54 8.75 1.88
N GLY A 571 -0.96 7.53 2.17
CA GLY A 571 -1.53 6.67 1.14
C GLY A 571 -2.06 5.40 1.75
N VAL A 572 -2.71 4.60 0.91
CA VAL A 572 -3.29 3.33 1.30
C VAL A 572 -2.60 2.25 0.50
N LEU A 573 -2.15 1.19 1.18
CA LEU A 573 -1.47 0.07 0.54
C LEU A 573 -2.29 -1.20 0.79
N GLN A 574 -2.19 -2.14 -0.15
CA GLN A 574 -2.84 -3.44 -0.02
C GLN A 574 -1.74 -4.49 0.23
N ALA A 575 -1.76 -5.10 1.43
CA ALA A 575 -0.71 -6.04 1.81
C ALA A 575 -0.57 -7.18 0.81
N GLY A 576 -1.68 -7.63 0.22
CA GLY A 576 -1.61 -8.71 -0.75
C GLY A 576 -0.75 -8.41 -1.95
N GLN A 577 -0.58 -7.13 -2.28
CA GLN A 577 0.29 -6.76 -3.39
C GLN A 577 1.77 -6.86 -3.05
N TYR A 578 2.14 -7.17 -1.80
CA TYR A 578 3.55 -7.25 -1.43
C TYR A 578 3.93 -8.65 -0.96
N GLY A 579 3.06 -9.62 -1.12
CA GLY A 579 3.48 -10.99 -0.99
C GLY A 579 2.84 -11.80 0.11
N VAL A 580 1.58 -11.54 0.44
CA VAL A 580 0.84 -12.42 1.34
C VAL A 580 -0.48 -12.76 0.68
N ALA A 581 -1.03 -13.92 1.05
CA ALA A 581 -2.33 -14.37 0.54
C ALA A 581 -3.45 -13.82 1.43
N GLN A 582 -3.48 -12.49 1.54
CA GLN A 582 -4.39 -11.83 2.47
C GLN A 582 -4.78 -10.47 1.92
N THR A 583 -6.07 -10.15 1.97
CA THR A 583 -6.49 -8.78 1.71
C THR A 583 -6.40 -8.00 3.01
N ARG A 584 -5.58 -6.95 3.02
CA ARG A 584 -5.39 -6.14 4.21
C ARG A 584 -4.94 -4.76 3.75
N ARG A 585 -5.90 -3.84 3.60
CA ARG A 585 -5.62 -2.46 3.22
C ARG A 585 -5.22 -1.66 4.45
N ARG A 586 -4.13 -0.92 4.35
CA ARG A 586 -3.66 -0.16 5.49
CA ARG A 586 -3.59 -0.18 5.47
C ARG A 586 -3.34 1.26 5.07
N ALA A 587 -3.69 2.20 5.95
CA ALA A 587 -3.32 3.60 5.79
C ALA A 587 -1.91 3.81 6.32
N ILE A 588 -1.13 4.57 5.57
CA ILE A 588 0.28 4.81 5.87
C ILE A 588 0.53 6.31 5.81
N ILE A 589 1.16 6.86 6.85
CA ILE A 589 1.69 8.20 6.81
C ILE A 589 3.21 8.12 6.91
N LEU A 590 3.90 8.75 5.96
CA LEU A 590 5.36 8.78 5.92
C LEU A 590 5.82 10.22 6.09
N ALA A 591 6.89 10.42 6.86
CA ALA A 591 7.43 11.77 7.01
C ALA A 591 8.94 11.69 7.03
N ALA A 592 9.57 12.77 6.56
CA ALA A 592 11.02 12.82 6.48
C ALA A 592 11.49 14.20 6.92
N ALA A 593 12.56 14.23 7.71
CA ALA A 593 13.07 15.50 8.24
C ALA A 593 13.54 16.40 7.10
N PRO A 594 13.58 17.70 7.33
CA PRO A 594 14.26 18.59 6.38
C PRO A 594 15.72 18.19 6.25
N GLY A 595 16.20 18.15 5.01
CA GLY A 595 17.50 17.59 4.70
C GLY A 595 17.43 16.17 4.16
N GLU A 596 16.32 15.49 4.35
CA GLU A 596 16.11 14.15 3.81
C GLU A 596 15.29 14.21 2.54
N LYS A 597 15.31 13.10 1.82
CA LYS A 597 14.39 12.87 0.72
C LYS A 597 13.16 12.16 1.28
N LEU A 598 11.98 12.68 0.97
CA LEU A 598 10.74 12.01 1.34
C LEU A 598 10.57 10.74 0.51
N PRO A 599 10.41 9.58 1.13
CA PRO A 599 10.28 8.34 0.36
C PRO A 599 9.00 8.28 -0.48
N LEU A 600 9.05 7.45 -1.52
CA LEU A 600 7.89 7.06 -2.32
C LEU A 600 7.21 5.84 -1.71
N PHE A 601 5.95 5.65 -2.07
CA PHE A 601 5.35 4.38 -1.69
C PHE A 601 5.79 3.27 -2.64
N PRO A 602 5.95 2.04 -2.12
CA PRO A 602 6.51 0.96 -2.95
C PRO A 602 5.55 0.49 -4.03
N GLU A 603 6.11 0.24 -5.22
CA GLU A 603 5.30 -0.31 -6.30
C GLU A 603 4.87 -1.74 -5.95
N PRO A 604 3.63 -2.11 -6.28
CA PRO A 604 3.17 -3.49 -6.06
C PRO A 604 4.10 -4.50 -6.73
N LEU A 605 4.32 -5.61 -6.03
CA LEU A 605 5.13 -6.71 -6.50
C LEU A 605 4.31 -7.88 -7.04
N HIS A 606 3.15 -8.15 -6.44
CA HIS A 606 2.29 -9.27 -6.80
C HIS A 606 0.97 -8.75 -7.32
N VAL A 607 0.43 -9.39 -8.35
CA VAL A 607 -0.94 -9.05 -8.74
C VAL A 607 -1.90 -9.55 -7.67
N PHE A 608 -3.08 -8.94 -7.63
CA PHE A 608 -4.04 -9.20 -6.58
C PHE A 608 -5.42 -8.79 -7.10
N ALA A 609 -6.45 -9.36 -6.52
CA ALA A 609 -7.80 -9.12 -7.03
C ALA A 609 -8.11 -7.62 -7.05
N PRO A 610 -8.55 -7.07 -8.18
CA PRO A 610 -8.77 -5.62 -8.27
C PRO A 610 -9.80 -5.07 -7.29
N ARG A 611 -10.80 -5.85 -6.89
CA ARG A 611 -11.78 -5.35 -5.93
C ARG A 611 -11.13 -5.05 -4.58
N ALA A 612 -10.04 -5.73 -4.26
CA ALA A 612 -9.32 -5.54 -3.01
C ALA A 612 -8.28 -4.43 -3.10
N CYS A 613 -8.08 -3.83 -4.27
CA CYS A 613 -7.01 -2.87 -4.48
C CYS A 613 -7.54 -1.46 -4.78
N GLN A 614 -8.60 -1.05 -4.08
CA GLN A 614 -9.11 0.33 -4.19
C GLN A 614 -8.32 1.19 -3.21
N LEU A 615 -7.32 1.90 -3.72
CA LEU A 615 -6.34 2.57 -2.88
C LEU A 615 -6.52 4.09 -2.84
N SER A 616 -7.47 4.65 -3.59
CA SER A 616 -7.56 6.09 -3.61
C SER A 616 -8.34 6.59 -2.41
N VAL A 617 -8.15 7.87 -2.09
CA VAL A 617 -8.77 8.49 -0.93
C VAL A 617 -9.39 9.83 -1.35
N VAL A 618 -10.63 10.05 -0.94
CA VAL A 618 -11.29 11.32 -1.17
C VAL A 618 -11.22 12.15 0.10
N VAL A 619 -10.67 13.36 -0.01
CA VAL A 619 -10.60 14.30 1.08
C VAL A 619 -11.25 15.59 0.61
N ASP A 620 -12.39 15.93 1.20
CA ASP A 620 -13.12 17.17 0.89
C ASP A 620 -13.36 17.30 -0.61
N ASP A 621 -13.93 16.25 -1.19
CA ASP A 621 -14.32 16.15 -2.60
C ASP A 621 -13.14 16.11 -3.56
N LYS A 622 -11.91 15.96 -3.07
CA LYS A 622 -10.73 15.85 -3.91
C LYS A 622 -10.17 14.44 -3.81
N LYS A 623 -9.93 13.80 -4.96
CA LYS A 623 -9.41 12.45 -4.96
C LYS A 623 -7.89 12.47 -4.95
N PHE A 624 -7.31 11.74 -4.00
CA PHE A 624 -5.86 11.62 -3.88
C PHE A 624 -5.44 10.17 -4.15
N VAL A 625 -4.33 10.02 -4.89
CA VAL A 625 -3.70 8.74 -5.14
C VAL A 625 -2.27 8.82 -4.64
N SER A 626 -1.60 7.67 -4.56
CA SER A 626 -0.18 7.67 -4.29
C SER A 626 0.60 7.66 -5.61
N ASN A 627 1.93 7.72 -5.51
CA ASN A 627 2.82 7.66 -6.68
C ASN A 627 2.79 6.31 -7.39
N ILE A 628 2.11 5.31 -6.84
CA ILE A 628 2.09 3.98 -7.43
C ILE A 628 1.53 4.04 -8.86
N THR A 629 2.28 3.46 -9.81
CA THR A 629 1.86 3.42 -11.21
C THR A 629 1.44 2.04 -11.68
N ARG A 630 1.85 0.97 -11.00
CA ARG A 630 1.42 -0.37 -11.39
C ARG A 630 -0.03 -0.56 -10.98
N LEU A 631 -0.95 -0.19 -11.86
CA LEU A 631 -2.37 -0.22 -11.50
C LEU A 631 -3.05 -1.51 -11.94
N SER A 632 -2.54 -2.17 -12.97
CA SER A 632 -3.26 -3.27 -13.60
C SER A 632 -2.49 -4.60 -13.61
N SER A 633 -1.20 -4.59 -13.32
CA SER A 633 -0.42 -5.82 -13.37
C SER A 633 0.78 -5.64 -12.45
N GLY A 634 1.73 -6.57 -12.53
CA GLY A 634 2.90 -6.55 -11.68
C GLY A 634 3.82 -7.71 -12.00
N PRO A 635 5.03 -7.70 -11.44
CA PRO A 635 6.04 -8.71 -11.84
C PRO A 635 5.72 -10.13 -11.40
N PHE A 636 5.04 -10.35 -10.27
CA PHE A 636 4.90 -11.70 -9.74
C PHE A 636 3.44 -12.11 -9.61
N ARG A 637 3.20 -13.42 -9.70
CA ARG A 637 1.86 -13.97 -9.53
C ARG A 637 1.37 -13.79 -8.10
N THR A 638 0.06 -13.88 -7.93
CA THR A 638 -0.52 -13.70 -6.60
C THR A 638 -0.20 -14.90 -5.70
N ILE A 639 -0.09 -14.63 -4.40
CA ILE A 639 0.15 -15.66 -3.40
C ILE A 639 -1.20 -16.20 -2.92
N THR A 640 -1.37 -17.52 -2.90
CA THR A 640 -2.64 -18.15 -2.60
C THR A 640 -2.59 -18.87 -1.25
N VAL A 641 -3.76 -19.30 -0.79
CA VAL A 641 -3.82 -20.07 0.45
C VAL A 641 -2.98 -21.34 0.31
N ARG A 642 -3.01 -21.96 -0.87
CA ARG A 642 -2.16 -23.13 -1.12
C ARG A 642 -0.69 -22.80 -0.91
N ASP A 643 -0.20 -21.71 -1.53
CA ASP A 643 1.18 -21.29 -1.34
C ASP A 643 1.52 -21.13 0.13
N THR A 644 0.55 -20.69 0.92
CA THR A 644 0.77 -20.24 2.29
C THR A 644 0.90 -21.41 3.25
N MET A 645 0.10 -22.47 3.05
CA MET A 645 0.00 -23.46 4.12
C MET A 645 -0.25 -24.89 3.65
N SER A 646 -0.05 -25.21 2.36
CA SER A 646 -0.27 -26.58 1.91
C SER A 646 0.69 -27.58 2.56
N ASP A 647 1.79 -27.12 3.16
CA ASP A 647 2.80 -28.01 3.74
C ASP A 647 2.57 -28.31 5.22
N LEU A 648 1.52 -27.78 5.82
CA LEU A 648 1.44 -28.02 7.26
C LEU A 648 0.68 -29.31 7.54
N PRO A 649 1.13 -30.10 8.51
CA PRO A 649 0.46 -31.38 8.77
C PRO A 649 -0.97 -31.17 9.28
N GLU A 650 -1.81 -32.17 9.00
CA GLU A 650 -3.16 -32.16 9.50
C GLU A 650 -3.18 -32.17 11.03
N VAL A 651 -4.00 -31.29 11.62
CA VAL A 651 -4.25 -31.28 13.06
C VAL A 651 -5.75 -31.15 13.29
N ARG A 652 -6.16 -31.36 14.53
CA ARG A 652 -7.57 -31.43 14.90
C ARG A 652 -8.02 -30.13 15.55
N ASN A 653 -9.34 -29.95 15.59
CA ASN A 653 -9.95 -28.92 16.42
C ASN A 653 -9.36 -28.97 17.82
N GLY A 654 -8.86 -27.84 18.30
CA GLY A 654 -8.27 -27.83 19.63
C GLY A 654 -6.86 -28.38 19.72
N ALA A 655 -6.17 -28.58 18.60
CA ALA A 655 -4.78 -29.03 18.64
C ALA A 655 -3.94 -28.13 19.54
N SER A 656 -3.14 -28.74 20.42
CA SER A 656 -2.41 -27.98 21.42
C SER A 656 -0.94 -28.38 21.55
N ALA A 657 -0.45 -29.33 20.75
CA ALA A 657 0.96 -29.67 20.79
C ALA A 657 1.78 -28.53 20.20
N LEU A 658 2.60 -27.88 21.04
CA LEU A 658 3.33 -26.70 20.62
C LEU A 658 4.51 -27.01 19.70
N GLU A 659 4.99 -28.24 19.69
CA GLU A 659 6.16 -28.61 18.91
C GLU A 659 5.88 -29.93 18.21
N ILE A 660 5.78 -29.91 16.88
CA ILE A 660 5.49 -31.11 16.11
C ILE A 660 6.42 -31.18 14.92
N SER A 661 6.36 -32.31 14.22
CA SER A 661 7.09 -32.49 12.98
C SER A 661 6.36 -31.84 11.81
N TYR A 662 7.12 -31.23 10.90
CA TYR A 662 6.55 -30.77 9.63
C TYR A 662 6.14 -31.93 8.73
N ASN A 663 6.72 -33.12 8.94
CA ASN A 663 6.46 -34.31 8.13
C ASN A 663 6.87 -34.17 6.66
N GLY A 664 7.62 -33.13 6.29
CA GLY A 664 8.08 -33.02 4.92
C GLY A 664 8.67 -31.66 4.63
N GLU A 665 9.33 -31.59 3.47
CA GLU A 665 10.00 -30.38 3.01
C GLU A 665 8.99 -29.33 2.54
N PRO A 666 9.39 -28.05 2.50
CA PRO A 666 8.49 -27.02 1.96
C PRO A 666 8.17 -27.29 0.50
N GLN A 667 6.95 -26.98 0.11
CA GLN A 667 6.49 -27.29 -1.23
C GLN A 667 6.50 -26.10 -2.17
N SER A 668 6.07 -24.93 -1.71
CA SER A 668 6.01 -23.74 -2.53
C SER A 668 7.20 -22.83 -2.28
N TRP A 669 7.40 -21.89 -3.21
CA TRP A 669 8.41 -20.84 -3.02
C TRP A 669 8.16 -20.09 -1.71
N PHE A 670 6.90 -19.71 -1.46
CA PHE A 670 6.54 -18.96 -0.26
C PHE A 670 6.91 -19.72 1.01
N GLN A 671 6.59 -21.02 1.04
CA GLN A 671 6.96 -21.85 2.18
C GLN A 671 8.48 -21.97 2.32
N ARG A 672 9.20 -22.06 1.20
CA ARG A 672 10.66 -22.09 1.29
C ARG A 672 11.20 -20.81 1.91
N GLN A 673 10.63 -19.66 1.56
CA GLN A 673 11.08 -18.41 2.14
C GLN A 673 10.80 -18.36 3.64
N LEU A 674 9.57 -18.70 4.05
CA LEU A 674 9.19 -18.54 5.45
C LEU A 674 9.82 -19.59 6.36
N ARG A 675 10.17 -20.76 5.82
CA ARG A 675 10.85 -21.75 6.65
C ARG A 675 12.32 -21.39 6.87
N GLY A 676 12.91 -20.67 5.92
CA GLY A 676 14.30 -20.26 6.03
C GLY A 676 15.26 -21.26 5.42
N ALA A 677 16.52 -20.83 5.30
CA ALA A 677 17.53 -21.70 4.72
C ALA A 677 17.93 -22.83 5.67
N GLN A 678 18.14 -22.50 6.94
CA GLN A 678 18.54 -23.51 7.91
C GLN A 678 17.42 -24.52 8.13
N TYR A 679 17.79 -25.81 8.16
CA TYR A 679 16.81 -26.85 8.42
C TYR A 679 16.13 -26.61 9.76
N GLN A 680 14.80 -26.77 9.78
CA GLN A 680 14.03 -26.60 10.99
C GLN A 680 13.45 -27.94 11.40
N PRO A 681 13.95 -28.58 12.45
CA PRO A 681 13.42 -29.90 12.82
C PRO A 681 12.04 -29.87 13.43
N ILE A 682 11.58 -28.72 13.92
CA ILE A 682 10.37 -28.62 14.73
C ILE A 682 9.51 -27.49 14.20
N LEU A 683 8.21 -27.77 14.03
CA LEU A 683 7.20 -26.78 13.69
C LEU A 683 6.50 -26.32 14.97
N ARG A 684 6.48 -25.02 15.20
CA ARG A 684 5.93 -24.46 16.42
C ARG A 684 4.59 -23.77 16.17
N ASP A 685 3.75 -23.79 17.19
CA ASP A 685 2.52 -23.01 17.28
C ASP A 685 1.51 -23.38 16.20
N HIS A 686 1.57 -24.59 15.67
CA HIS A 686 0.50 -25.08 14.81
C HIS A 686 -0.62 -25.63 15.70
N ILE A 687 -1.25 -24.71 16.43
CA ILE A 687 -2.27 -25.02 17.43
C ILE A 687 -3.53 -24.25 17.09
N CYS A 688 -4.69 -24.82 17.45
N CYS A 688 -4.69 -24.81 17.41
CA CYS A 688 -5.99 -24.27 17.10
CA CYS A 688 -5.93 -24.11 17.10
C CYS A 688 -6.86 -24.15 18.34
C CYS A 688 -6.89 -24.17 18.27
N LYS A 689 -7.81 -23.20 18.29
CA LYS A 689 -8.75 -23.04 19.38
C LYS A 689 -9.63 -24.29 19.49
N ASP A 690 -10.00 -24.62 20.74
CA ASP A 690 -10.85 -25.77 21.00
C ASP A 690 -12.30 -25.29 20.97
N MET A 691 -12.91 -25.36 19.78
CA MET A 691 -14.32 -24.99 19.63
C MET A 691 -15.22 -26.03 20.28
N SER A 692 -16.36 -25.57 20.78
CA SER A 692 -17.31 -26.42 21.47
C SER A 692 -17.88 -27.49 20.54
N ALA A 693 -18.63 -28.42 21.14
CA ALA A 693 -19.14 -29.57 20.41
C ALA A 693 -20.10 -29.15 19.30
N LEU A 694 -20.97 -28.18 19.58
CA LEU A 694 -21.89 -27.69 18.55
C LEU A 694 -21.14 -27.03 17.41
N VAL A 695 -20.21 -26.14 17.72
CA VAL A 695 -19.48 -25.43 16.67
C VAL A 695 -18.62 -26.41 15.88
N ALA A 696 -18.03 -27.39 16.57
CA ALA A 696 -17.27 -28.42 15.87
C ALA A 696 -18.17 -29.20 14.91
N ALA A 697 -19.39 -29.50 15.33
CA ALA A 697 -20.31 -30.22 14.45
C ALA A 697 -20.70 -29.37 13.25
N ARG A 698 -20.90 -28.07 13.46
CA ARG A 698 -21.18 -27.19 12.32
C ARG A 698 -20.04 -27.23 11.32
N MET A 699 -18.81 -27.13 11.81
CA MET A 699 -17.66 -27.11 10.90
C MET A 699 -17.56 -28.40 10.10
N ARG A 700 -17.87 -29.54 10.72
CA ARG A 700 -17.84 -30.81 10.02
C ARG A 700 -18.86 -30.87 8.88
N HIS A 701 -19.88 -30.02 8.89
CA HIS A 701 -20.92 -30.06 7.89
C HIS A 701 -20.83 -28.92 6.89
N ILE A 702 -19.77 -28.12 6.94
CA ILE A 702 -19.53 -27.11 5.90
C ILE A 702 -18.85 -27.80 4.74
N PRO A 703 -19.48 -27.83 3.56
CA PRO A 703 -18.86 -28.50 2.40
C PRO A 703 -17.49 -27.91 2.09
N LEU A 704 -16.70 -28.71 1.38
CA LEU A 704 -15.34 -28.32 1.01
C LEU A 704 -15.28 -27.47 -0.24
N ALA A 705 -16.36 -27.37 -1.01
CA ALA A 705 -16.33 -26.63 -2.26
C ALA A 705 -16.07 -25.15 -1.99
N PRO A 706 -15.33 -24.47 -2.88
CA PRO A 706 -15.06 -23.04 -2.69
C PRO A 706 -16.35 -22.24 -2.54
N GLY A 707 -16.30 -21.26 -1.64
CA GLY A 707 -17.44 -20.43 -1.31
C GLY A 707 -18.40 -21.02 -0.29
N SER A 708 -18.09 -22.18 0.28
CA SER A 708 -18.99 -22.79 1.25
C SER A 708 -18.99 -22.03 2.56
N ASP A 709 -20.18 -21.84 3.14
CA ASP A 709 -20.30 -21.16 4.43
C ASP A 709 -21.59 -21.63 5.10
N TRP A 710 -22.02 -20.89 6.13
CA TRP A 710 -23.13 -21.34 6.97
C TRP A 710 -24.39 -21.61 6.18
N ARG A 711 -24.57 -20.90 5.06
CA ARG A 711 -25.78 -21.06 4.26
C ARG A 711 -25.88 -22.44 3.62
N ASP A 712 -24.80 -23.23 3.67
CA ASP A 712 -24.78 -24.60 3.17
C ASP A 712 -25.06 -25.64 4.26
N LEU A 713 -25.34 -25.22 5.49
CA LEU A 713 -25.50 -26.17 6.57
C LEU A 713 -26.80 -26.96 6.41
N PRO A 714 -26.77 -28.27 6.67
CA PRO A 714 -28.02 -29.04 6.68
C PRO A 714 -28.87 -28.72 7.91
N ASN A 715 -30.18 -28.81 7.73
CA ASN A 715 -31.12 -28.60 8.84
C ASN A 715 -31.51 -29.96 9.44
N ILE A 716 -30.55 -30.56 10.12
CA ILE A 716 -30.69 -31.92 10.63
C ILE A 716 -30.35 -31.95 12.11
N GLU A 717 -30.81 -33.01 12.77
CA GLU A 717 -30.35 -33.34 14.11
C GLU A 717 -29.01 -34.07 14.02
N VAL A 718 -28.09 -33.71 14.90
CA VAL A 718 -26.76 -34.32 14.96
C VAL A 718 -26.43 -34.61 16.42
N ARG A 719 -26.03 -35.84 16.70
CA ARG A 719 -25.50 -36.14 18.02
C ARG A 719 -24.10 -35.57 18.13
N LEU A 720 -23.85 -34.81 19.21
CA LEU A 720 -22.60 -34.11 19.39
C LEU A 720 -21.62 -34.98 20.17
N SER A 721 -20.35 -34.57 20.17
CA SER A 721 -19.28 -35.37 20.75
C SER A 721 -19.38 -35.49 22.28
N ASP A 722 -20.21 -34.67 22.92
CA ASP A 722 -20.36 -34.69 24.37
C ASP A 722 -21.71 -35.26 24.80
N GLY A 723 -22.43 -35.92 23.90
CA GLY A 723 -23.74 -36.46 24.19
C GLY A 723 -24.89 -35.55 23.85
N THR A 724 -24.64 -34.25 23.66
CA THR A 724 -25.68 -33.32 23.26
C THR A 724 -26.27 -33.72 21.92
N MET A 725 -27.51 -33.29 21.70
CA MET A 725 -28.15 -33.36 20.39
C MET A 725 -28.25 -31.94 19.85
N ALA A 726 -27.82 -31.75 18.61
CA ALA A 726 -28.02 -30.48 17.92
C ALA A 726 -29.39 -30.50 17.27
N ARG A 727 -30.23 -29.52 17.60
CA ARG A 727 -31.62 -29.54 17.20
C ARG A 727 -31.81 -28.96 15.80
N LYS A 728 -32.96 -29.29 15.21
CA LYS A 728 -33.34 -28.72 13.92
C LYS A 728 -33.90 -27.32 14.10
N LEU A 729 -33.47 -26.41 13.23
CA LEU A 729 -34.07 -25.10 13.14
C LEU A 729 -35.41 -25.19 12.40
N ARG A 730 -36.42 -24.53 12.94
CA ARG A 730 -37.75 -24.57 12.35
C ARG A 730 -38.24 -23.16 12.09
N TYR A 731 -38.90 -22.98 10.95
CA TYR A 731 -39.35 -21.66 10.48
C TYR A 731 -40.72 -21.37 11.06
N THR A 732 -40.79 -20.42 11.98
CA THR A 732 -42.00 -20.13 12.74
C THR A 732 -42.71 -18.85 12.28
N HIS A 733 -42.19 -18.17 11.27
CA HIS A 733 -42.77 -16.91 10.85
C HIS A 733 -42.63 -16.78 9.33
N HIS A 734 -43.25 -15.74 8.79
CA HIS A 734 -43.32 -15.53 7.35
C HIS A 734 -42.52 -14.30 6.96
N ASP A 735 -41.59 -14.46 6.02
CA ASP A 735 -40.82 -13.35 5.45
C ASP A 735 -41.34 -13.12 4.03
N ARG A 736 -42.18 -12.10 3.85
CA ARG A 736 -42.70 -11.79 2.53
C ARG A 736 -41.57 -11.35 1.60
N LYS A 737 -40.63 -10.56 2.12
CA LYS A 737 -39.48 -10.15 1.32
C LYS A 737 -38.64 -11.36 0.91
N ASN A 738 -38.44 -12.31 1.82
CA ASN A 738 -37.64 -13.49 1.49
C ASN A 738 -38.47 -14.56 0.80
N GLY A 739 -39.78 -14.61 1.05
CA GLY A 739 -40.65 -15.55 0.38
C GLY A 739 -40.83 -16.88 1.10
N ARG A 740 -41.12 -17.92 0.33
CA ARG A 740 -41.31 -19.26 0.86
C ARG A 740 -40.49 -20.24 0.04
N SER A 741 -40.25 -21.41 0.63
CA SER A 741 -39.40 -22.43 0.00
C SER A 741 -40.11 -23.01 -1.23
N SER A 742 -39.41 -23.91 -1.91
CA SER A 742 -40.00 -24.58 -3.07
C SER A 742 -41.21 -25.41 -2.68
N SER A 743 -41.16 -26.04 -1.49
CA SER A 743 -42.24 -26.89 -1.00
C SER A 743 -43.16 -26.14 -0.04
N GLY A 744 -43.09 -24.82 0.01
CA GLY A 744 -44.05 -24.02 0.75
C GLY A 744 -43.66 -23.68 2.17
N ALA A 745 -42.54 -24.19 2.68
CA ALA A 745 -42.15 -23.91 4.05
C ALA A 745 -41.81 -22.44 4.23
N LEU A 746 -41.99 -21.95 5.46
CA LEU A 746 -41.65 -20.58 5.79
C LEU A 746 -40.13 -20.40 5.82
N ARG A 747 -39.70 -19.13 5.85
CA ARG A 747 -38.29 -18.78 5.90
C ARG A 747 -37.99 -17.76 6.98
N GLY A 748 -38.91 -17.53 7.91
CA GLY A 748 -38.68 -16.62 9.02
C GLY A 748 -38.51 -17.35 10.33
N VAL A 749 -37.84 -16.74 11.29
CA VAL A 749 -37.57 -17.41 12.58
C VAL A 749 -37.91 -16.47 13.73
N CYS A 750 -38.51 -15.32 13.43
CA CYS A 750 -38.82 -14.36 14.47
C CYS A 750 -39.99 -13.49 14.05
N SER A 751 -40.66 -12.92 15.04
CA SER A 751 -41.75 -11.98 14.78
C SER A 751 -41.22 -10.63 14.32
N CYS A 752 -39.94 -10.36 14.53
CA CYS A 752 -39.31 -9.13 14.05
C CYS A 752 -39.21 -9.10 12.53
N VAL A 753 -39.46 -10.22 11.85
CA VAL A 753 -39.41 -10.23 10.39
C VAL A 753 -40.49 -9.34 9.78
N GLU A 754 -41.57 -9.09 10.52
CA GLU A 754 -42.60 -8.16 10.08
C GLU A 754 -42.13 -6.71 10.26
N ALA A 755 -42.57 -5.85 9.36
CA ALA A 755 -42.20 -4.44 9.39
C ALA A 755 -42.88 -3.77 10.58
N GLY A 756 -42.15 -3.60 11.67
CA GLY A 756 -42.68 -2.95 12.84
C GLY A 756 -42.75 -3.82 14.08
N LYS A 757 -43.13 -5.08 13.91
CA LYS A 757 -43.28 -5.98 15.05
C LYS A 757 -41.94 -6.20 15.75
N ALA A 758 -41.95 -6.12 17.07
CA ALA A 758 -40.73 -6.23 17.87
C ALA A 758 -40.31 -7.69 18.04
N CYS A 759 -39.12 -7.88 18.62
CA CYS A 759 -38.58 -9.22 18.82
C CYS A 759 -39.43 -9.98 19.85
N ASP A 760 -39.95 -11.14 19.45
CA ASP A 760 -40.69 -12.01 20.37
C ASP A 760 -39.70 -12.87 21.13
N PRO A 761 -39.52 -12.68 22.43
CA PRO A 761 -38.48 -13.43 23.15
C PRO A 761 -38.90 -14.86 23.46
N ALA A 762 -39.55 -15.50 22.49
CA ALA A 762 -39.87 -16.92 22.56
C ALA A 762 -39.62 -17.65 21.25
N ALA A 763 -39.47 -16.95 20.13
CA ALA A 763 -39.11 -17.56 18.87
C ALA A 763 -37.61 -17.83 18.76
N ARG A 764 -36.82 -17.36 19.73
CA ARG A 764 -35.41 -17.67 19.77
C ARG A 764 -35.21 -19.15 20.08
N GLN A 765 -34.33 -19.80 19.33
CA GLN A 765 -34.10 -21.23 19.44
C GLN A 765 -32.65 -21.48 19.83
N PHE A 766 -32.40 -22.62 20.45
CA PHE A 766 -31.09 -22.93 21.01
C PHE A 766 -30.61 -24.29 20.53
N ASN A 767 -29.29 -24.46 20.54
CA ASN A 767 -28.63 -25.73 20.20
C ASN A 767 -28.99 -26.17 18.78
N THR A 768 -29.25 -25.21 17.91
CA THR A 768 -29.57 -25.46 16.52
C THR A 768 -28.30 -25.53 15.68
N LEU A 769 -28.24 -26.50 14.76
CA LEU A 769 -27.08 -26.61 13.88
C LEU A 769 -26.91 -25.36 13.04
N ILE A 770 -27.97 -24.96 12.35
CA ILE A 770 -27.98 -23.66 11.69
C ILE A 770 -28.13 -22.62 12.80
N PRO A 771 -27.17 -21.71 12.97
CA PRO A 771 -27.26 -20.75 14.07
C PRO A 771 -28.48 -19.86 13.90
N TRP A 772 -29.29 -19.77 14.96
CA TRP A 772 -30.55 -19.03 14.86
C TRP A 772 -30.33 -17.56 14.52
N CYS A 773 -29.32 -16.94 15.12
CA CYS A 773 -29.13 -15.50 14.95
C CYS A 773 -28.75 -15.10 13.53
N LEU A 774 -28.36 -16.06 12.67
CA LEU A 774 -27.93 -15.69 11.31
C LEU A 774 -29.14 -15.47 10.40
N PRO A 775 -30.09 -16.41 10.27
CA PRO A 775 -31.32 -16.06 9.55
C PRO A 775 -32.16 -15.00 10.25
N HIS A 776 -31.94 -14.80 11.54
CA HIS A 776 -32.71 -13.82 12.30
C HIS A 776 -32.45 -12.40 11.80
N THR A 777 -31.18 -12.04 11.64
CA THR A 777 -30.83 -10.69 11.20
C THR A 777 -30.12 -10.68 9.85
N GLY A 778 -30.22 -11.77 9.08
CA GLY A 778 -29.46 -11.87 7.85
C GLY A 778 -29.91 -10.95 6.74
N ASN A 779 -31.17 -10.53 6.76
CA ASN A 779 -31.71 -9.73 5.65
C ASN A 779 -31.03 -8.37 5.55
N ARG A 780 -30.52 -7.85 6.67
CA ARG A 780 -29.84 -6.56 6.67
C ARG A 780 -28.33 -6.69 6.92
N HIS A 781 -27.78 -7.90 6.78
CA HIS A 781 -26.34 -8.09 6.91
C HIS A 781 -25.80 -8.92 5.75
N ASN A 782 -26.38 -8.73 4.56
CA ASN A 782 -25.92 -9.38 3.34
C ASN A 782 -25.84 -10.90 3.53
N HIS A 783 -26.81 -11.44 4.28
CA HIS A 783 -26.96 -12.87 4.53
C HIS A 783 -25.77 -13.46 5.27
N TRP A 784 -25.03 -12.62 6.00
CA TRP A 784 -23.89 -13.03 6.79
C TRP A 784 -22.94 -13.88 5.96
N ALA A 785 -22.64 -13.40 4.75
CA ALA A 785 -21.74 -14.10 3.86
C ALA A 785 -20.38 -14.30 4.52
N GLY A 786 -19.86 -15.52 4.43
CA GLY A 786 -18.54 -15.83 4.94
C GLY A 786 -18.53 -16.44 6.34
N LEU A 787 -19.60 -16.29 7.11
CA LEU A 787 -19.60 -16.88 8.44
C LEU A 787 -19.64 -18.41 8.33
N TYR A 788 -18.89 -19.07 9.21
CA TYR A 788 -18.60 -20.50 9.09
C TYR A 788 -18.08 -20.83 7.69
N GLY A 789 -17.30 -19.92 7.12
CA GLY A 789 -16.86 -20.01 5.75
C GLY A 789 -15.48 -20.63 5.63
N ARG A 790 -15.31 -21.45 4.61
CA ARG A 790 -14.03 -22.10 4.36
C ARG A 790 -13.15 -21.24 3.46
N LEU A 791 -11.87 -21.19 3.80
CA LEU A 791 -10.90 -20.73 2.83
C LEU A 791 -10.86 -21.67 1.64
N GLU A 792 -10.42 -21.15 0.50
CA GLU A 792 -10.21 -22.00 -0.67
C GLU A 792 -8.75 -21.94 -1.06
N TRP A 793 -8.23 -23.07 -1.56
CA TRP A 793 -6.80 -23.19 -1.82
C TRP A 793 -6.32 -22.18 -2.85
N ASP A 794 -7.13 -21.92 -3.88
CA ASP A 794 -6.73 -21.00 -4.94
C ASP A 794 -6.93 -19.54 -4.57
N GLY A 795 -7.59 -19.27 -3.46
CA GLY A 795 -7.97 -17.93 -3.08
C GLY A 795 -7.01 -17.31 -2.09
N PHE A 796 -7.53 -16.34 -1.33
CA PHE A 796 -6.74 -15.65 -0.32
C PHE A 796 -7.52 -15.58 0.98
N PHE A 797 -6.79 -15.26 2.05
CA PHE A 797 -7.38 -15.02 3.35
C PHE A 797 -8.14 -13.69 3.38
N SER A 798 -9.25 -13.67 4.08
CA SER A 798 -9.76 -12.40 4.53
C SER A 798 -8.83 -11.83 5.59
N THR A 799 -9.05 -10.58 5.95
CA THR A 799 -8.14 -9.90 6.86
C THR A 799 -7.93 -10.73 8.13
N THR A 800 -6.68 -10.91 8.52
CA THR A 800 -6.37 -11.72 9.69
C THR A 800 -6.64 -10.91 10.94
N VAL A 801 -7.57 -11.38 11.76
CA VAL A 801 -8.04 -10.63 12.91
C VAL A 801 -7.42 -11.20 14.18
N THR A 802 -7.68 -10.55 15.32
CA THR A 802 -7.02 -10.92 16.56
C THR A 802 -7.59 -12.19 17.18
N ASN A 803 -8.80 -12.60 16.83
CA ASN A 803 -9.41 -13.77 17.47
C ASN A 803 -10.34 -14.45 16.49
N PRO A 804 -9.86 -15.45 15.76
CA PRO A 804 -10.66 -16.04 14.69
C PRO A 804 -11.90 -16.74 15.25
N GLU A 805 -13.04 -16.35 14.73
CA GLU A 805 -14.31 -16.87 15.24
C GLU A 805 -15.27 -17.07 14.07
N PRO A 806 -15.79 -18.29 13.88
CA PRO A 806 -16.65 -18.54 12.71
C PRO A 806 -17.94 -17.73 12.69
N MET A 807 -18.44 -17.29 13.84
CA MET A 807 -19.63 -16.45 13.86
C MET A 807 -19.31 -14.99 14.14
N GLY A 808 -18.05 -14.59 14.02
CA GLY A 808 -17.71 -13.18 14.02
C GLY A 808 -17.92 -12.55 12.64
N LYS A 809 -17.71 -11.24 12.60
CA LYS A 809 -17.91 -10.50 11.34
C LYS A 809 -17.00 -11.01 10.24
N GLN A 810 -15.73 -11.26 10.55
CA GLN A 810 -14.81 -11.88 9.62
C GLN A 810 -14.79 -13.37 9.96
N GLY A 811 -15.83 -14.08 9.49
CA GLY A 811 -16.06 -15.46 9.88
C GLY A 811 -15.49 -16.52 8.97
N ARG A 812 -14.76 -16.12 7.92
CA ARG A 812 -14.25 -17.08 6.94
C ARG A 812 -12.91 -17.61 7.41
N VAL A 813 -12.95 -18.46 8.44
CA VAL A 813 -11.73 -18.82 9.15
C VAL A 813 -11.56 -20.33 9.23
N LEU A 814 -12.42 -21.08 8.54
CA LEU A 814 -12.30 -22.53 8.51
C LEU A 814 -11.21 -22.95 7.54
N HIS A 815 -10.53 -24.06 7.88
CA HIS A 815 -9.53 -24.64 6.99
C HIS A 815 -10.20 -25.10 5.69
N PRO A 816 -9.48 -25.06 4.57
CA PRO A 816 -10.09 -25.51 3.31
C PRO A 816 -10.57 -26.94 3.35
N GLU A 817 -9.92 -27.81 4.12
CA GLU A 817 -10.31 -29.21 4.15
C GLU A 817 -10.56 -29.76 5.55
N GLN A 818 -9.76 -29.37 6.53
CA GLN A 818 -9.93 -29.91 7.87
C GLN A 818 -11.06 -29.18 8.60
N HIS A 819 -11.67 -29.87 9.56
CA HIS A 819 -12.88 -29.34 10.21
C HIS A 819 -12.48 -28.56 11.46
N ARG A 820 -11.91 -27.38 11.23
CA ARG A 820 -11.33 -26.59 12.29
C ARG A 820 -11.09 -25.18 11.81
N VAL A 821 -10.89 -24.28 12.78
CA VAL A 821 -10.39 -22.95 12.50
C VAL A 821 -8.92 -23.02 12.13
N VAL A 822 -8.45 -22.04 11.34
CA VAL A 822 -7.02 -21.88 11.06
C VAL A 822 -6.22 -21.86 12.35
N SER A 823 -5.01 -22.40 12.31
CA SER A 823 -4.14 -22.41 13.47
C SER A 823 -3.42 -21.07 13.63
N VAL A 824 -2.75 -20.92 14.77
CA VAL A 824 -1.87 -19.78 14.98
C VAL A 824 -0.82 -19.70 13.88
N ARG A 825 -0.17 -20.82 13.60
CA ARG A 825 0.86 -20.84 12.57
C ARG A 825 0.31 -20.43 11.20
N GLU A 826 -0.89 -20.92 10.85
CA GLU A 826 -1.49 -20.55 9.57
C GLU A 826 -1.81 -19.06 9.51
N CYS A 827 -2.30 -18.49 10.63
CA CYS A 827 -2.50 -17.05 10.68
C CYS A 827 -1.19 -16.29 10.52
N ALA A 828 -0.13 -16.77 11.18
CA ALA A 828 1.19 -16.14 11.03
C ALA A 828 1.70 -16.24 9.60
N ARG A 829 1.44 -17.36 8.93
CA ARG A 829 1.81 -17.49 7.53
C ARG A 829 1.03 -16.51 6.65
N SER A 830 -0.27 -16.31 6.94
CA SER A 830 -1.06 -15.35 6.15
C SER A 830 -0.55 -13.93 6.32
N GLN A 831 0.16 -13.65 7.40
CA GLN A 831 0.80 -12.37 7.65
C GLN A 831 2.24 -12.33 7.16
N GLY A 832 2.74 -13.42 6.59
CA GLY A 832 4.12 -13.44 6.13
C GLY A 832 5.16 -13.50 7.23
N PHE A 833 4.82 -14.05 8.40
CA PHE A 833 5.85 -14.20 9.43
C PHE A 833 6.77 -15.40 9.11
N PRO A 834 8.08 -15.26 9.27
CA PRO A 834 8.95 -16.44 9.26
C PRO A 834 8.51 -17.44 10.33
N ASP A 835 8.64 -18.72 10.02
CA ASP A 835 8.25 -19.76 10.97
C ASP A 835 9.08 -19.71 12.25
N THR A 836 10.29 -19.15 12.17
CA THR A 836 11.12 -18.98 13.36
C THR A 836 10.66 -17.84 14.25
N TYR A 837 9.72 -17.02 13.80
CA TYR A 837 9.36 -15.83 14.56
C TYR A 837 8.60 -16.23 15.81
N ARG A 838 9.13 -15.88 16.97
CA ARG A 838 8.60 -16.33 18.25
C ARG A 838 7.40 -15.51 18.70
N LEU A 839 6.41 -16.20 19.24
CA LEU A 839 5.23 -15.59 19.84
C LEU A 839 5.21 -15.99 21.31
N PHE A 840 4.32 -15.40 22.11
CA PHE A 840 4.36 -15.67 23.55
C PHE A 840 2.95 -15.64 24.13
N GLY A 841 2.68 -16.57 25.05
CA GLY A 841 1.45 -16.59 25.83
C GLY A 841 0.57 -17.77 25.48
N ASN A 842 -0.68 -17.71 25.94
CA ASN A 842 -1.65 -18.74 25.57
C ASN A 842 -2.11 -18.51 24.13
N ILE A 843 -2.98 -19.39 23.64
CA ILE A 843 -3.29 -19.38 22.22
C ILE A 843 -4.03 -18.10 21.82
N LEU A 844 -4.87 -17.55 22.69
CA LEU A 844 -5.52 -16.28 22.38
C LEU A 844 -4.53 -15.11 22.40
N ASP A 845 -3.52 -15.15 23.28
CA ASP A 845 -2.47 -14.15 23.23
C ASP A 845 -1.76 -14.19 21.88
N LYS A 846 -1.44 -15.39 21.39
CA LYS A 846 -0.68 -15.49 20.16
C LYS A 846 -1.51 -15.10 18.94
N HIS A 847 -2.80 -15.47 18.89
CA HIS A 847 -3.66 -14.98 17.82
C HIS A 847 -3.72 -13.46 17.81
N ARG A 848 -3.84 -12.83 18.99
CA ARG A 848 -3.90 -11.37 19.06
C ARG A 848 -2.59 -10.73 18.58
N GLN A 849 -1.44 -11.27 19.01
CA GLN A 849 -0.16 -10.78 18.51
C GLN A 849 -0.09 -10.84 17.00
N VAL A 850 -0.51 -11.96 16.42
CA VAL A 850 -0.42 -12.13 14.97
C VAL A 850 -1.40 -11.20 14.26
N GLY A 851 -2.64 -11.14 14.76
CA GLY A 851 -3.66 -10.38 14.10
C GLY A 851 -3.44 -8.88 14.12
N ASN A 852 -2.76 -8.37 15.14
CA ASN A 852 -2.46 -6.95 15.24
C ASN A 852 -1.30 -6.52 14.35
N ALA A 853 -0.50 -7.46 13.88
CA ALA A 853 0.78 -7.10 13.33
C ALA A 853 0.67 -6.53 11.93
N VAL A 854 1.63 -5.69 11.60
CA VAL A 854 1.91 -5.34 10.19
C VAL A 854 2.61 -6.53 9.53
N PRO A 855 2.14 -7.01 8.37
CA PRO A 855 2.85 -8.08 7.67
C PRO A 855 4.28 -7.66 7.35
N PRO A 856 5.26 -8.47 7.74
CA PRO A 856 6.67 -8.12 7.46
C PRO A 856 6.93 -7.85 5.98
N PRO A 857 6.31 -8.58 5.03
CA PRO A 857 6.61 -8.26 3.61
C PRO A 857 6.16 -6.87 3.20
N LEU A 858 5.03 -6.40 3.73
CA LEU A 858 4.61 -5.02 3.52
C LEU A 858 5.62 -4.05 4.15
N ALA A 859 5.99 -4.30 5.41
CA ALA A 859 6.94 -3.43 6.08
C ALA A 859 8.30 -3.46 5.39
N LYS A 860 8.69 -4.61 4.85
CA LYS A 860 9.95 -4.68 4.11
C LYS A 860 9.91 -3.82 2.84
N ALA A 861 8.81 -3.87 2.10
CA ALA A 861 8.70 -3.02 0.90
C ALA A 861 8.79 -1.54 1.25
N ILE A 862 8.12 -1.13 2.33
CA ILE A 862 8.23 0.26 2.75
C ILE A 862 9.67 0.59 3.15
N GLY A 863 10.31 -0.31 3.90
CA GLY A 863 11.67 -0.05 4.35
C GLY A 863 12.64 0.10 3.20
N LEU A 864 12.44 -0.64 2.11
CA LEU A 864 13.35 -0.50 0.98
C LEU A 864 13.19 0.86 0.31
N GLU A 865 11.99 1.44 0.35
CA GLU A 865 11.82 2.80 -0.14
C GLU A 865 12.59 3.80 0.72
N ILE A 866 12.52 3.63 2.05
CA ILE A 866 13.31 4.48 2.94
C ILE A 866 14.79 4.31 2.65
N LYS A 867 15.21 3.07 2.37
CA LYS A 867 16.62 2.82 2.07
C LYS A 867 17.09 3.61 0.85
N LEU A 868 16.25 3.69 -0.19
CA LEU A 868 16.63 4.49 -1.35
C LEU A 868 16.87 5.95 -0.97
N CYS A 869 16.11 6.46 -0.01
CA CYS A 869 16.29 7.85 0.43
C CYS A 869 17.59 8.03 1.19
N MET A 870 17.93 7.05 2.02
CA MET A 870 19.20 7.14 2.75
C MET A 870 20.38 7.17 1.78
N LEU A 871 20.36 6.32 0.75
CA LEU A 871 21.47 6.28 -0.21
C LEU A 871 21.52 7.52 -1.08
N ALA A 872 20.38 8.14 -1.36
CA ALA A 872 20.30 9.29 -2.25
C ALA A 872 20.55 10.61 -1.54
N LYS A 873 20.66 10.62 -0.21
CA LYS A 873 20.87 11.87 0.50
C LYS A 873 22.20 12.50 0.08
N ALA A 874 22.15 13.80 -0.22
CA ALA A 874 23.36 14.54 -0.57
C ALA A 874 23.19 16.01 -0.18
N1 5CM B 6 -24.44 -9.10 15.72
C2 5CM B 6 -23.06 -8.91 16.18
N3 5CM B 6 -22.05 -9.83 15.94
C4 5CM B 6 -22.38 -10.96 15.24
C5 5CM B 6 -23.69 -11.21 14.76
C5A 5CM B 6 -24.03 -12.47 13.99
C6 5CM B 6 -24.70 -10.28 14.99
O2 5CM B 6 -22.79 -7.94 16.78
N4 5CM B 6 -21.42 -11.86 15.01
C1' 5CM B 6 -25.54 -8.12 15.95
C2' 5CM B 6 -26.66 -8.24 14.92
C3' 5CM B 6 -27.72 -7.40 15.62
C4' 5CM B 6 -27.48 -7.61 17.13
O4' 5CM B 6 -26.16 -8.22 17.20
O3' 5CM B 6 -27.47 -6.04 15.31
C5' 5CM B 6 -28.53 -8.50 17.74
O5' 5CM B 6 -28.95 -9.46 16.79
P 5CM B 6 -29.68 -10.85 17.39
OP1 5CM B 6 -31.03 -10.53 17.95
OP2 5CM B 6 -29.79 -11.93 16.31
P PYO C 6 -11.26 -3.31 9.06
OP1 PYO C 6 -9.82 -2.86 8.98
OP2 PYO C 6 -11.60 -4.77 8.92
O5' PYO C 6 -11.85 -2.78 10.45
C5' PYO C 6 -11.75 -1.41 10.79
C4' PYO C 6 -12.78 -1.03 11.83
O4' PYO C 6 -14.07 -0.87 11.20
C3' PYO C 6 -13.03 -2.06 12.91
C1' PYO C 6 -15.07 -1.09 12.16
O3' PYO C 6 -12.04 -2.06 13.92
C2' PYO C 6 -14.42 -1.65 13.43
O2' PYO C 6 -14.31 -0.61 14.37
N1 PYO C 6 -16.07 -2.04 11.60
C6 PYO C 6 -15.69 -3.24 11.19
C2 PYO C 6 -17.48 -1.63 11.53
C5 PYO C 6 -16.63 -4.10 10.67
O2 PYO C 6 -17.78 -0.55 11.91
N3 PYO C 6 -18.43 -2.48 11.03
C4 PYO C 6 -17.96 -3.69 10.61
N SAH D . 2.70 -2.54 14.64
CA SAH D . 2.61 -3.70 15.56
CB SAH D . 1.14 -4.00 15.97
CG SAH D . 0.56 -2.79 16.72
SD SAH D . -1.08 -3.10 17.46
C SAH D . 3.25 -5.02 14.90
O SAH D . 3.31 -6.06 15.59
OXT SAH D . 3.65 -4.89 13.72
C5' SAH D . -1.21 -1.79 18.70
C4' SAH D . -0.38 -2.17 19.96
O4' SAH D . -0.30 -1.08 20.88
C3' SAH D . -0.91 -3.38 20.76
O3' SAH D . 0.08 -4.39 20.88
C2' SAH D . -1.32 -2.77 22.17
O2' SAH D . -1.00 -3.59 23.27
C1' SAH D . -0.36 -1.59 22.21
N9 SAH D . -0.79 -0.46 23.00
C8 SAH D . -2.12 0.00 23.21
N7 SAH D . -2.14 1.13 23.96
C5 SAH D . -0.79 1.41 24.27
C6 SAH D . -0.14 2.41 25.01
N6 SAH D . -0.83 3.39 25.63
N1 SAH D . 1.22 2.39 25.10
C2 SAH D . 1.87 1.41 24.49
N3 SAH D . 1.40 0.41 23.78
C4 SAH D . 0.04 0.43 23.68
ZN ZN E . -36.28 -10.81 16.47
ZN ZN F . 6.71 29.18 -15.44
C1 EDO G . -10.24 -7.33 15.58
O1 EDO G . -9.20 -7.77 14.70
C2 EDO G . -9.61 -6.68 16.81
O2 EDO G . -8.64 -5.71 16.40
C1 EDO H . 7.30 -13.28 1.95
O1 EDO H . 8.48 -13.98 1.53
C2 EDO H . 6.83 -12.37 0.81
O2 EDO H . 6.20 -13.13 -0.24
C1 EDO I . -38.61 -25.54 17.82
O1 EDO I . -39.60 -24.91 16.98
C2 EDO I . -37.81 -26.54 16.99
O2 EDO I . -38.69 -27.56 16.51
C1 GOL J . -2.22 -5.92 -8.81
O1 GOL J . -1.03 -5.67 -8.06
C2 GOL J . -2.62 -4.59 -9.47
O2 GOL J . -1.54 -4.04 -10.17
C3 GOL J . -3.87 -4.93 -10.34
O3 GOL J . -4.90 -5.31 -9.46
C1 GOL K . -5.68 -4.50 14.72
O1 GOL K . -4.96 -3.42 15.27
C2 GOL K . -5.80 -4.23 13.20
O2 GOL K . -4.55 -4.06 12.58
C3 GOL K . -6.65 -5.42 12.59
O3 GOL K . -6.50 -6.55 13.43
C01 IO5 L . -20.95 -6.82 11.32
C02 IO5 L . -20.75 -7.15 12.80
C03 IO5 L . -20.82 -5.88 13.73
C04 IO5 L . -22.02 -5.52 14.28
C05 IO5 L . -23.18 -6.30 13.96
C07 IO5 L . -22.06 -4.36 15.13
C09 IO5 L . -24.45 -4.53 15.89
C10 IO5 L . -25.16 -4.34 17.23
C11 IO5 L . -24.34 -4.78 18.44
C13 IO5 L . -22.45 -3.30 18.14
C14 IO5 L . -22.83 -2.78 16.74
C15 IO5 L . -23.07 -4.11 20.32
C16 IO5 L . -21.87 -3.25 20.79
C19 IO5 L . -19.80 -4.04 14.85
C21 IO5 L . -18.50 -2.00 16.68
C22 IO5 L . -17.38 -0.97 16.70
C23 IO5 L . -16.24 -1.15 17.48
C24 IO5 L . -15.24 -0.17 17.48
C25 IO5 L . -15.41 1.00 16.69
C26 IO5 L . -16.56 1.16 15.91
C27 IO5 L . -17.55 0.18 15.92
C28 IO5 L . -19.86 -1.28 16.81
C31 IO5 L . -19.67 -5.14 14.02
C32 IO5 L . -18.41 -5.55 13.43
N06 IO5 L . -24.07 -6.93 13.70
N08 IO5 L . -23.16 -3.83 15.77
N12 IO5 L . -23.57 -3.68 19.00
N18 IO5 L . -20.95 -3.64 15.39
N29 IO5 L . -20.26 -1.03 18.03
N33 IO5 L . -17.45 -5.89 12.98
O17 IO5 L . -20.72 -4.09 20.80
O30 IO5 L . -20.51 -0.93 15.83
S20 IO5 L . -18.36 -3.10 15.19
#